data_8VIL
#
_entry.id   8VIL
#
_cell.length_a   62.197
_cell.length_b   94.511
_cell.length_c   83.747
_cell.angle_alpha   90.000
_cell.angle_beta   100.160
_cell.angle_gamma   90.000
#
_symmetry.space_group_name_H-M   'P 1 21 1'
#
loop_
_entity.id
_entity.type
_entity.pdbx_description
1 polymer 'Sulfoxide synthase EgtB-IV'
2 non-polymer 'CHLORIDE ION'
3 non-polymer 'SODIUM ION'
4 non-polymer 'FE (III) ION'
5 non-polymer 1,2-ETHANEDIOL
6 non-polymer N,N-dimethyl-L-histidine
7 water water
#
_entity_poly.entity_id   1
_entity_poly.type   'polypeptide(L)'
_entity_poly.pdbx_seq_one_letter_code
;MGSSHHHHHHSSGLVPRGSHMSFIKSQLPIFLNNCTQDSVINYFQNSWELENILMRSIIDDETFYINPDPLRNPLIFYLG
HSAAFYINKLIRVELLEKGINSDYEILFEFGVDPENAEELNQAIAHINWPDVRQVWDYRNKAYEVILEVIKNTTFDLPIH
ASHPLWALMMGMEHQRIHFETSSMLLRQLPTEKVEKPQGWQYAPSQGVPNTNKMILVEGGTVTLGKAKDNPLYGWDCEYG
DRLVKVDSFFASQYLVTNGEFLEFINRKGYETQSYWNEKSWQWKEENKVKNPKFWQFNNGKYSYRAMFDEIPLPLDWPVE
VNYYEAMAYCGWKGKGTRLMSEAEWNLAAYGSNDNYQVDIEKVNDYNLNLKFGSPSPVGLVKTAQSHSGLWDLRGNVWEW
LDENFHPLPGFEPHFLYEDNSAPFFDNNHKMMLGGAWVTQGTETLKYYRNWFRPNFYQHAGFRIVTNH
;
_entity_poly.pdbx_strand_id   A,B
#
loop_
_chem_comp.id
_chem_comp.type
_chem_comp.name
_chem_comp.formula
AVI non-polymer N,N-dimethyl-L-histidine 'C8 H13 N3 O2'
CL non-polymer 'CHLORIDE ION' 'Cl -1'
EDO non-polymer 1,2-ETHANEDIOL 'C2 H6 O2'
FE non-polymer 'FE (III) ION' 'Fe 3'
NA non-polymer 'SODIUM ION' 'Na 1'
#
# COMPACT_ATOMS: atom_id res chain seq x y z
N HIS A 20 30.30 -9.07 25.48
CA HIS A 20 29.27 -9.41 24.51
C HIS A 20 29.83 -10.43 23.54
N MET A 21 28.93 -11.03 22.75
CA MET A 21 29.28 -12.14 21.87
C MET A 21 30.45 -11.78 20.96
N SER A 22 31.62 -12.36 21.21
CA SER A 22 32.83 -12.08 20.45
C SER A 22 33.30 -13.24 19.60
N PHE A 23 33.14 -14.47 20.08
CA PHE A 23 33.69 -15.64 19.38
C PHE A 23 33.01 -15.86 18.03
N ILE A 24 31.75 -15.46 17.90
CA ILE A 24 31.04 -15.53 16.62
C ILE A 24 30.96 -14.10 16.08
N LYS A 25 31.72 -13.85 15.01
CA LYS A 25 31.93 -12.50 14.50
C LYS A 25 31.35 -12.38 13.10
N SER A 26 30.61 -11.29 12.86
CA SER A 26 30.03 -11.01 11.56
C SER A 26 30.69 -9.77 10.96
N GLN A 27 31.22 -9.90 9.75
CA GLN A 27 31.90 -8.79 9.09
C GLN A 27 30.89 -7.73 8.67
N LEU A 28 31.28 -6.46 8.86
CA LEU A 28 30.42 -5.34 8.52
C LEU A 28 30.27 -5.23 7.01
N PRO A 29 29.20 -4.60 6.53
CA PRO A 29 29.03 -4.38 5.09
C PRO A 29 30.08 -3.41 4.55
N ILE A 30 30.19 -3.39 3.23
CA ILE A 30 31.23 -2.64 2.53
C ILE A 30 30.58 -1.74 1.50
N PHE A 31 31.08 -0.51 1.39
CA PHE A 31 30.61 0.39 0.34
C PHE A 31 30.98 -0.15 -1.03
N LEU A 32 30.12 0.14 -2.01
CA LEU A 32 30.33 -0.36 -3.36
C LEU A 32 31.62 0.16 -3.97
N ASN A 33 32.09 1.34 -3.53
CA ASN A 33 33.35 1.88 -4.01
C ASN A 33 34.57 1.21 -3.39
N ASN A 34 34.37 0.37 -2.37
CA ASN A 34 35.46 -0.35 -1.73
C ASN A 34 35.33 -1.86 -1.85
N CYS A 35 34.46 -2.34 -2.74
CA CYS A 35 34.22 -3.78 -2.90
C CYS A 35 35.34 -4.39 -3.74
N THR A 36 36.52 -4.42 -3.16
CA THR A 36 37.64 -5.11 -3.78
C THR A 36 37.41 -6.62 -3.78
N GLN A 37 38.16 -7.32 -4.62
CA GLN A 37 38.08 -8.78 -4.65
C GLN A 37 38.39 -9.37 -3.28
N ASP A 38 39.46 -8.89 -2.65
CA ASP A 38 39.86 -9.41 -1.34
C ASP A 38 38.76 -9.21 -0.31
N SER A 39 38.24 -7.98 -0.21
CA SER A 39 37.23 -7.69 0.80
C SER A 39 35.95 -8.47 0.55
N VAL A 40 35.57 -8.62 -0.72
CA VAL A 40 34.34 -9.34 -1.05
C VAL A 40 34.51 -10.83 -0.77
N ILE A 41 35.70 -11.37 -1.03
CA ILE A 41 35.99 -12.74 -0.66
C ILE A 41 35.76 -12.93 0.84
N ASN A 42 36.30 -12.02 1.64
CA ASN A 42 36.15 -12.12 3.10
C ASN A 42 34.68 -12.01 3.51
N TYR A 43 33.97 -11.04 2.95
CA TYR A 43 32.55 -10.88 3.26
C TYR A 43 31.74 -12.10 2.84
N PHE A 44 32.04 -12.64 1.65
CA PHE A 44 31.35 -13.84 1.18
C PHE A 44 31.61 -15.02 2.11
N GLN A 45 32.88 -15.27 2.44
CA GLN A 45 33.21 -16.39 3.32
C GLN A 45 32.52 -16.24 4.68
N ASN A 46 32.49 -15.02 5.22
CA ASN A 46 31.84 -14.79 6.50
C ASN A 46 30.34 -15.02 6.41
N SER A 47 29.71 -14.56 5.32
CA SER A 47 28.28 -14.79 5.14
C SER A 47 27.95 -16.28 5.16
N TRP A 48 28.76 -17.09 4.48
CA TRP A 48 28.48 -18.52 4.35
C TRP A 48 28.79 -19.26 5.65
N GLU A 49 29.96 -18.99 6.24
CA GLU A 49 30.33 -19.68 7.48
C GLU A 49 29.29 -19.44 8.57
N LEU A 50 28.74 -18.23 8.63
CA LEU A 50 27.75 -17.93 9.66
C LEU A 50 26.52 -18.81 9.51
N GLU A 51 26.01 -18.94 8.27
CA GLU A 51 24.86 -19.81 8.05
C GLU A 51 25.19 -21.26 8.34
N ASN A 52 26.41 -21.69 7.98
CA ASN A 52 26.85 -23.04 8.31
C ASN A 52 26.77 -23.29 9.81
N ILE A 53 27.22 -22.31 10.61
CA ILE A 53 27.20 -22.47 12.06
C ILE A 53 25.78 -22.68 12.56
N LEU A 54 24.84 -21.86 12.05
CA LEU A 54 23.44 -21.99 12.46
C LEU A 54 22.87 -23.34 12.02
N MET A 55 23.07 -23.70 10.74
CA MET A 55 22.51 -24.95 10.23
C MET A 55 23.12 -26.16 10.94
N ARG A 56 24.40 -26.09 11.30
CA ARG A 56 25.05 -27.19 12.01
C ARG A 56 24.56 -27.34 13.45
N SER A 57 23.72 -26.42 13.95
CA SER A 57 23.20 -26.55 15.30
C SER A 57 22.09 -27.58 15.41
N ILE A 58 21.52 -28.02 14.29
CA ILE A 58 20.53 -29.08 14.29
C ILE A 58 21.24 -30.41 14.48
N ILE A 59 20.84 -31.16 15.51
CA ILE A 59 21.58 -32.36 15.89
C ILE A 59 21.27 -33.53 14.96
N ASP A 60 20.00 -33.80 14.71
CA ASP A 60 19.58 -34.95 13.93
C ASP A 60 19.07 -34.51 12.56
N ASP A 61 19.50 -35.23 11.52
CA ASP A 61 19.14 -34.86 10.16
C ASP A 61 17.64 -34.98 9.91
N GLU A 62 16.97 -35.91 10.61
CA GLU A 62 15.53 -36.05 10.46
C GLU A 62 14.81 -34.76 10.80
N THR A 63 15.42 -33.92 11.64
CA THR A 63 14.80 -32.67 12.05
C THR A 63 14.70 -31.67 10.92
N PHE A 64 15.50 -31.83 9.85
CA PHE A 64 15.43 -30.93 8.71
C PHE A 64 14.11 -31.02 7.96
N TYR A 65 13.39 -32.13 8.12
CA TYR A 65 12.13 -32.35 7.42
C TYR A 65 10.93 -31.89 8.23
N ILE A 66 11.17 -31.38 9.43
CA ILE A 66 10.14 -30.69 10.20
C ILE A 66 10.05 -29.26 9.69
N ASN A 67 8.84 -28.70 9.66
CA ASN A 67 8.67 -27.27 9.41
C ASN A 67 8.27 -26.63 10.74
N PRO A 68 9.23 -26.21 11.57
CA PRO A 68 8.88 -25.73 12.91
C PRO A 68 7.88 -24.59 12.92
N ASP A 69 7.92 -23.71 11.91
CA ASP A 69 6.93 -22.65 11.77
C ASP A 69 5.84 -23.14 10.81
N PRO A 70 4.59 -23.25 11.26
CA PRO A 70 3.55 -23.81 10.36
C PRO A 70 3.27 -22.95 9.14
N LEU A 71 3.86 -21.77 9.04
CA LEU A 71 3.66 -20.87 7.92
C LEU A 71 4.87 -20.85 6.97
N ARG A 72 5.88 -21.69 7.22
CA ARG A 72 7.09 -21.72 6.42
C ARG A 72 7.43 -23.16 6.05
N ASN A 73 8.34 -23.30 5.10
CA ASN A 73 8.69 -24.60 4.54
C ASN A 73 9.52 -25.42 5.55
N PRO A 74 9.78 -26.69 5.23
CA PRO A 74 10.70 -27.47 6.08
C PRO A 74 12.09 -26.88 6.08
N LEU A 75 12.87 -27.26 7.10
CA LEU A 75 14.21 -26.70 7.26
C LEU A 75 15.14 -27.13 6.13
N ILE A 76 14.90 -28.30 5.53
CA ILE A 76 15.73 -28.76 4.42
C ILE A 76 15.68 -27.75 3.27
N PHE A 77 14.52 -27.13 3.06
CA PHE A 77 14.41 -26.09 2.04
C PHE A 77 15.42 -24.97 2.31
N TYR A 78 15.47 -24.49 3.54
CA TYR A 78 16.32 -23.36 3.90
C TYR A 78 17.79 -23.74 3.98
N LEU A 79 18.10 -25.03 4.09
CA LEU A 79 19.50 -25.46 3.98
C LEU A 79 20.04 -25.16 2.59
N GLY A 80 19.23 -25.39 1.56
CA GLY A 80 19.71 -25.23 0.19
C GLY A 80 19.27 -23.97 -0.49
N HIS A 81 18.37 -23.21 0.15
CA HIS A 81 17.78 -22.05 -0.51
C HIS A 81 18.80 -20.96 -0.77
N SER A 82 19.65 -20.65 0.22
CA SER A 82 20.61 -19.57 0.05
C SER A 82 21.63 -19.89 -1.03
N ALA A 83 22.08 -21.15 -1.09
CA ALA A 83 23.04 -21.53 -2.13
C ALA A 83 22.42 -21.46 -3.51
N ALA A 84 21.20 -21.98 -3.66
CA ALA A 84 20.53 -21.94 -4.96
C ALA A 84 20.32 -20.50 -5.43
N PHE A 85 20.01 -19.60 -4.50
CA PHE A 85 19.78 -18.20 -4.87
C PHE A 85 21.03 -17.59 -5.49
N TYR A 86 22.20 -17.84 -4.91
CA TYR A 86 23.45 -17.39 -5.51
C TYR A 86 23.55 -17.84 -6.96
N ILE A 87 23.42 -19.15 -7.18
CA ILE A 87 23.64 -19.73 -8.51
C ILE A 87 22.68 -19.13 -9.52
N ASN A 88 21.40 -19.03 -9.15
CA ASN A 88 20.39 -18.57 -10.11
C ASN A 88 20.64 -17.12 -10.53
N LYS A 89 20.97 -16.26 -9.57
CA LYS A 89 21.22 -14.86 -9.92
C LYS A 89 22.50 -14.71 -10.73
N LEU A 90 23.53 -15.49 -10.40
CA LEU A 90 24.78 -15.43 -11.16
C LEU A 90 24.55 -15.92 -12.60
N ILE A 91 23.79 -17.00 -12.76
CA ILE A 91 23.42 -17.45 -14.10
C ILE A 91 22.70 -16.35 -14.86
N ARG A 92 21.80 -15.63 -14.18
CA ARG A 92 21.00 -14.62 -14.87
C ARG A 92 21.87 -13.50 -15.45
N VAL A 93 22.97 -13.15 -14.77
CA VAL A 93 23.86 -12.11 -15.26
C VAL A 93 24.98 -12.72 -16.10
N GLU A 94 24.89 -14.03 -16.34
CA GLU A 94 25.86 -14.73 -17.18
C GLU A 94 27.28 -14.61 -16.62
N LEU A 95 27.41 -14.52 -15.30
CA LEU A 95 28.70 -14.77 -14.66
C LEU A 95 28.94 -16.26 -14.48
N LEU A 96 27.91 -17.08 -14.64
CA LEU A 96 28.01 -18.53 -14.63
C LEU A 96 27.33 -19.05 -15.90
N GLU A 97 27.97 -20.02 -16.55
CA GLU A 97 27.43 -20.60 -17.77
C GLU A 97 26.50 -21.78 -17.51
N LYS A 98 26.55 -22.34 -16.29
CA LYS A 98 25.70 -23.45 -15.91
C LYS A 98 25.64 -23.51 -14.39
N GLY A 99 24.61 -24.16 -13.88
CA GLY A 99 24.45 -24.38 -12.45
C GLY A 99 25.10 -25.67 -12.01
N ILE A 100 24.70 -26.14 -10.84
CA ILE A 100 25.19 -27.38 -10.27
C ILE A 100 24.14 -28.48 -10.33
N ASN A 101 22.88 -28.14 -10.07
CA ASN A 101 21.79 -29.11 -10.11
C ASN A 101 20.51 -28.35 -10.47
N SER A 102 20.09 -28.46 -11.73
CA SER A 102 18.94 -27.70 -12.21
C SER A 102 17.70 -28.01 -11.39
N ASP A 103 17.48 -29.28 -11.04
CA ASP A 103 16.33 -29.65 -10.23
C ASP A 103 16.37 -28.93 -8.88
N TYR A 104 17.51 -29.01 -8.19
CA TYR A 104 17.64 -28.34 -6.90
C TYR A 104 17.45 -26.83 -7.05
N GLU A 105 18.02 -26.25 -8.11
CA GLU A 105 17.87 -24.83 -8.36
C GLU A 105 16.41 -24.44 -8.59
N ILE A 106 15.57 -25.39 -8.95
CA ILE A 106 14.13 -25.15 -9.05
C ILE A 106 13.44 -25.39 -7.71
N LEU A 107 13.73 -26.53 -7.08
CA LEU A 107 13.08 -26.87 -5.83
C LEU A 107 13.36 -25.84 -4.75
N PHE A 108 14.63 -25.44 -4.61
CA PHE A 108 15.07 -24.56 -3.54
C PHE A 108 14.99 -23.09 -3.93
N GLU A 109 14.08 -22.73 -4.85
CA GLU A 109 13.97 -21.37 -5.35
C GLU A 109 12.75 -20.62 -4.78
N PHE A 110 11.56 -21.19 -4.91
CA PHE A 110 10.33 -20.48 -4.59
C PHE A 110 10.09 -20.50 -3.08
N GLY A 111 10.27 -19.35 -2.44
CA GLY A 111 9.99 -19.22 -1.01
C GLY A 111 8.50 -19.09 -0.74
N ASP A 113 4.57 -17.21 1.37
CA ASP A 113 3.95 -16.24 2.27
C ASP A 113 2.45 -16.50 2.44
N PRO A 114 2.11 -17.57 3.15
CA PRO A 114 0.70 -17.89 3.37
C PRO A 114 0.12 -17.13 4.55
N GLU A 115 -1.21 -17.04 4.55
CA GLU A 115 -1.94 -16.48 5.68
C GLU A 115 -2.38 -17.54 6.68
N ASN A 116 -2.37 -18.81 6.28
CA ASN A 116 -2.80 -19.90 7.13
C ASN A 116 -1.86 -21.08 6.94
N ALA A 117 -1.80 -21.95 7.96
CA ALA A 117 -1.01 -23.17 7.83
C ALA A 117 -1.63 -24.12 6.81
N GLU A 118 -2.94 -24.06 6.62
CA GLU A 118 -3.60 -24.93 5.64
C GLU A 118 -3.12 -24.62 4.23
N GLU A 119 -3.12 -23.35 3.84
CA GLU A 119 -2.58 -22.97 2.54
C GLU A 119 -1.16 -23.48 2.36
N LEU A 120 -0.29 -23.22 3.35
CA LEU A 120 1.09 -23.69 3.26
C LEU A 120 1.14 -25.20 3.12
N ASN A 121 0.47 -25.92 4.03
CA ASN A 121 0.44 -27.38 3.94
C ASN A 121 -0.08 -27.84 2.58
N ILE A 127 5.77 -32.41 -2.24
CA ILE A 127 7.13 -32.38 -2.74
C ILE A 127 7.95 -33.50 -2.10
N ASN A 128 8.86 -34.07 -2.88
CA ASN A 128 9.81 -35.07 -2.39
C ASN A 128 11.14 -34.36 -2.15
N TRP A 129 11.51 -34.20 -0.88
CA TRP A 129 12.70 -33.46 -0.52
C TRP A 129 13.94 -34.35 -0.61
N PRO A 130 15.09 -33.80 -1.00
CA PRO A 130 16.31 -34.60 -1.05
C PRO A 130 16.82 -34.91 0.34
N ASP A 131 17.82 -35.79 0.40
CA ASP A 131 18.43 -36.11 1.68
C ASP A 131 19.30 -34.95 2.17
N VAL A 132 19.55 -34.93 3.48
CA VAL A 132 20.31 -33.84 4.08
C VAL A 132 21.73 -33.83 3.52
N ARG A 133 22.35 -35.00 3.39
CA ARG A 133 23.72 -35.05 2.88
C ARG A 133 23.81 -34.51 1.46
N GLN A 134 22.79 -34.79 0.64
CA GLN A 134 22.80 -34.29 -0.74
C GLN A 134 22.73 -32.77 -0.78
N VAL A 135 21.98 -32.17 0.14
CA VAL A 135 21.86 -30.71 0.15
C VAL A 135 23.16 -30.08 0.65
N TRP A 136 23.76 -30.66 1.69
CA TRP A 136 25.08 -30.18 2.13
C TRP A 136 26.09 -30.29 1.00
N ASP A 137 26.05 -31.39 0.23
CA ASP A 137 26.96 -31.54 -0.90
C ASP A 137 26.74 -30.41 -1.91
N TYR A 138 25.47 -30.11 -2.21
CA TYR A 138 25.17 -29.02 -3.14
C TYR A 138 25.68 -27.70 -2.62
N ARG A 139 25.51 -27.45 -1.32
CA ARG A 139 26.07 -26.24 -0.71
C ARG A 139 27.58 -26.16 -0.92
N ASN A 140 28.28 -27.26 -0.63
CA ASN A 140 29.73 -27.26 -0.72
C ASN A 140 30.19 -26.99 -2.15
N LYS A 141 29.56 -27.66 -3.12
CA LYS A 141 29.88 -27.40 -4.53
C LYS A 141 29.58 -25.96 -4.90
N ALA A 142 28.43 -25.45 -4.48
CA ALA A 142 28.07 -24.08 -4.82
C ALA A 142 29.06 -23.08 -4.24
N TYR A 143 29.50 -23.30 -3.00
CA TYR A 143 30.48 -22.41 -2.39
C TYR A 143 31.75 -22.31 -3.25
N GLU A 144 32.28 -23.46 -3.67
CA GLU A 144 33.51 -23.45 -4.45
C GLU A 144 33.30 -22.82 -5.81
N VAL A 145 32.13 -23.04 -6.42
CA VAL A 145 31.84 -22.44 -7.71
C VAL A 145 31.83 -20.92 -7.60
N ILE A 146 31.12 -20.39 -6.60
CA ILE A 146 31.04 -18.94 -6.44
C ILE A 146 32.40 -18.36 -6.12
N LEU A 147 33.17 -19.03 -5.27
CA LEU A 147 34.51 -18.54 -4.93
C LEU A 147 35.37 -18.40 -6.19
N GLU A 148 35.24 -19.34 -7.13
CA GLU A 148 36.01 -19.26 -8.37
C GLU A 148 35.54 -18.10 -9.23
N VAL A 149 34.23 -17.82 -9.22
CA VAL A 149 33.73 -16.66 -9.96
C VAL A 149 34.34 -15.38 -9.41
N ILE A 150 34.40 -15.27 -8.08
CA ILE A 150 34.96 -14.08 -7.46
C ILE A 150 36.45 -13.95 -7.80
N LYS A 151 37.19 -15.06 -7.69
CA LYS A 151 38.63 -15.01 -7.93
C LYS A 151 38.95 -14.76 -9.40
N ASN A 152 38.03 -15.02 -10.32
CA ASN A 152 38.28 -14.92 -11.74
C ASN A 152 37.51 -13.78 -12.41
N THR A 153 36.91 -12.88 -11.63
CA THR A 153 36.18 -11.75 -12.15
C THR A 153 36.86 -10.46 -11.72
N THR A 154 36.99 -9.52 -12.65
CA THR A 154 37.56 -8.22 -12.33
C THR A 154 36.57 -7.40 -11.52
N PHE A 155 37.01 -6.91 -10.36
CA PHE A 155 36.19 -6.05 -9.53
C PHE A 155 36.55 -4.60 -9.86
N ASP A 156 35.97 -4.11 -10.95
CA ASP A 156 36.23 -2.74 -11.39
C ASP A 156 35.35 -1.80 -10.57
N LEU A 157 35.98 -1.04 -9.68
CA LEU A 157 35.26 -0.20 -8.74
C LEU A 157 34.78 1.09 -9.41
N PRO A 158 33.60 1.60 -9.04
CA PRO A 158 32.66 1.06 -8.05
C PRO A 158 31.69 0.06 -8.66
N ILE A 159 31.20 -0.87 -7.85
CA ILE A 159 30.11 -1.76 -8.28
C ILE A 159 28.81 -0.99 -8.23
N HIS A 160 27.84 -1.38 -9.06
CA HIS A 160 26.59 -0.64 -9.13
C HIS A 160 25.49 -1.55 -9.67
N ALA A 161 24.27 -1.00 -9.67
CA ALA A 161 23.08 -1.81 -9.91
C ALA A 161 23.06 -2.40 -11.32
N SER A 162 23.67 -1.72 -12.29
CA SER A 162 23.73 -2.21 -13.65
C SER A 162 25.00 -3.01 -13.92
N HIS A 163 25.75 -3.36 -12.89
CA HIS A 163 26.97 -4.14 -12.98
C HIS A 163 26.66 -5.61 -12.69
N PRO A 164 27.20 -6.55 -13.48
CA PRO A 164 26.90 -7.97 -13.23
C PRO A 164 27.10 -8.42 -11.80
N LEU A 165 28.09 -7.86 -11.09
CA LEU A 165 28.39 -8.27 -9.72
C LEU A 165 27.30 -7.88 -8.74
N TRP A 166 26.32 -7.08 -9.16
CA TRP A 166 25.16 -6.83 -8.32
C TRP A 166 24.47 -8.13 -7.94
N ALA A 167 24.54 -9.14 -8.82
CA ALA A 167 23.98 -10.44 -8.50
C ALA A 167 24.67 -11.06 -7.29
N LEU A 168 25.99 -10.88 -7.17
CA LEU A 168 26.71 -11.40 -6.01
C LEU A 168 26.31 -10.63 -4.74
N MET A 169 26.34 -9.31 -4.80
CA MET A 169 25.89 -8.50 -3.67
C MET A 169 24.51 -8.92 -3.21
N MET A 170 23.60 -9.19 -4.16
CA MET A 170 22.26 -9.64 -3.83
C MET A 170 22.30 -10.97 -3.08
N GLY A 171 23.09 -11.93 -3.57
CA GLY A 171 23.12 -13.24 -2.96
C GLY A 171 23.68 -13.22 -1.55
N MET A 172 24.71 -12.41 -1.31
CA MET A 172 25.29 -12.33 0.03
C MET A 172 24.31 -11.71 1.01
N GLU A 173 23.63 -10.62 0.61
CA GLU A 173 22.63 -10.02 1.49
C GLU A 173 21.43 -10.95 1.67
N HIS A 174 21.09 -11.74 0.64
CA HIS A 174 20.00 -12.69 0.76
C HIS A 174 20.34 -13.80 1.74
N GLN A 175 21.59 -14.28 1.72
CA GLN A 175 22.02 -15.30 2.66
C GLN A 175 21.95 -14.80 4.09
N ARG A 176 22.35 -13.55 4.32
CA ARG A 176 22.34 -13.02 5.67
C ARG A 176 20.92 -12.78 6.17
N ILE A 177 20.00 -12.40 5.27
CA ILE A 177 18.60 -12.28 5.64
C ILE A 177 18.07 -13.63 6.11
N HIS A 178 18.47 -14.71 5.44
CA HIS A 178 17.97 -16.03 5.79
C HIS A 178 18.65 -16.63 7.01
N PHE A 179 19.83 -16.13 7.38
CA PHE A 179 20.37 -16.46 8.70
C PHE A 179 19.38 -16.01 9.77
N GLU A 180 18.77 -14.85 9.57
CA GLU A 180 17.79 -14.33 10.52
C GLU A 180 16.50 -15.13 10.47
N THR A 181 15.93 -15.31 9.26
CA THR A 181 14.67 -16.04 9.15
C THR A 181 14.80 -17.46 9.66
N SER A 182 15.93 -18.11 9.39
CA SER A 182 16.11 -19.48 9.86
C SER A 182 16.35 -19.53 11.37
N SER A 183 16.97 -18.50 11.95
CA SER A 183 17.12 -18.48 13.40
C SER A 183 15.77 -18.56 14.09
N MET A 184 14.75 -17.95 13.51
CA MET A 184 13.39 -18.04 14.06
C MET A 184 12.88 -19.48 13.98
N LEU A 185 13.21 -20.19 12.90
CA LEU A 185 12.77 -21.57 12.75
C LEU A 185 13.41 -22.45 13.82
N LEU A 186 14.71 -22.29 14.04
CA LEU A 186 15.41 -23.07 15.04
C LEU A 186 14.87 -22.79 16.44
N ARG A 187 14.51 -21.53 16.72
CA ARG A 187 13.97 -21.17 18.02
C ARG A 187 12.67 -21.92 18.30
N GLN A 188 11.91 -22.25 17.26
CA GLN A 188 10.64 -22.94 17.39
C GLN A 188 10.80 -24.44 17.50
N LEU A 189 12.02 -24.94 17.37
CA LEU A 189 12.30 -26.35 17.60
C LEU A 189 12.49 -26.60 19.10
N PRO A 190 12.19 -27.81 19.58
CA PRO A 190 12.50 -28.13 20.98
C PRO A 190 13.98 -27.99 21.27
N THR A 191 14.29 -27.54 22.51
CA THR A 191 15.68 -27.31 22.88
C THR A 191 16.53 -28.57 22.70
N GLU A 192 15.93 -29.75 22.87
CA GLU A 192 16.69 -30.98 22.81
C GLU A 192 17.12 -31.36 21.40
N LYS A 193 16.64 -30.64 20.38
CA LYS A 193 16.93 -30.94 19.00
C LYS A 193 17.98 -30.00 18.41
N VAL A 194 18.47 -29.03 19.18
CA VAL A 194 19.45 -28.06 18.74
C VAL A 194 20.60 -28.05 19.74
N GLU A 195 21.75 -27.58 19.27
CA GLU A 195 22.97 -27.51 20.08
C GLU A 195 23.59 -26.13 19.91
N LYS A 196 23.73 -25.41 21.03
CA LYS A 196 24.24 -24.05 20.99
C LYS A 196 25.66 -24.04 20.44
N PRO A 197 25.95 -23.22 19.41
CA PRO A 197 27.33 -23.15 18.91
C PRO A 197 28.29 -22.59 19.94
N GLN A 198 29.56 -22.98 19.82
CA GLN A 198 30.58 -22.42 20.69
C GLN A 198 30.63 -20.90 20.52
N GLY A 199 30.62 -20.17 21.63
CA GLY A 199 30.71 -18.74 21.58
C GLY A 199 29.38 -18.01 21.57
N TRP A 200 28.27 -18.71 21.31
CA TRP A 200 26.97 -18.06 21.38
C TRP A 200 26.75 -17.55 22.81
N GLN A 201 26.45 -16.26 22.93
CA GLN A 201 26.36 -15.61 24.24
C GLN A 201 25.12 -14.73 24.26
N TYR A 202 24.21 -15.02 25.18
CA TYR A 202 23.05 -14.18 25.39
C TYR A 202 23.44 -12.95 26.20
N ALA A 203 22.70 -11.87 25.99
CA ALA A 203 22.89 -10.67 26.80
C ALA A 203 22.52 -10.97 28.25
N PRO A 204 22.99 -10.15 29.19
CA PRO A 204 22.58 -10.30 30.59
C PRO A 204 21.17 -9.77 30.80
N SER A 205 20.67 -9.98 32.02
CA SER A 205 19.45 -9.34 32.50
C SER A 205 19.77 -8.65 33.82
N GLN A 206 19.41 -7.38 33.92
CA GLN A 206 19.56 -6.62 35.16
C GLN A 206 18.32 -6.68 36.04
N GLY A 207 17.32 -7.47 35.63
CA GLY A 207 16.12 -7.63 36.44
C GLY A 207 15.00 -6.72 35.96
N VAL A 208 14.37 -6.02 36.90
CA VAL A 208 13.23 -5.16 36.56
C VAL A 208 13.71 -4.02 35.69
N PRO A 209 12.93 -3.57 34.70
CA PRO A 209 13.38 -2.48 33.84
C PRO A 209 13.21 -1.12 34.51
N ASN A 210 13.92 -0.14 33.97
CA ASN A 210 13.69 1.24 34.38
C ASN A 210 12.33 1.71 33.88
N THR A 211 11.88 2.83 34.42
CA THR A 211 10.63 3.43 33.96
C THR A 211 10.72 3.80 32.49
N ASN A 212 9.67 3.49 31.74
CA ASN A 212 9.61 3.78 30.31
C ASN A 212 8.84 5.08 30.12
N LYS A 213 9.58 6.19 30.01
CA LYS A 213 8.97 7.50 29.89
C LYS A 213 8.68 7.83 28.43
N MET A 214 7.62 8.61 28.22
CA MET A 214 7.29 9.11 26.89
C MET A 214 8.14 10.32 26.57
N ILE A 215 8.74 10.33 25.38
CA ILE A 215 9.65 11.40 24.96
C ILE A 215 9.04 12.11 23.76
N LEU A 216 9.03 13.44 23.82
CA LEU A 216 8.57 14.24 22.69
C LEU A 216 9.60 14.22 21.58
N VAL A 217 9.18 13.84 20.38
CA VAL A 217 10.02 13.87 19.20
C VAL A 217 9.58 15.08 18.38
N GLU A 218 10.45 16.08 18.29
CA GLU A 218 10.09 17.33 17.62
C GLU A 218 9.79 17.07 16.15
N GLY A 219 8.73 17.71 15.66
CA GLY A 219 8.33 17.53 14.28
C GLY A 219 9.36 18.05 13.30
N GLY A 220 9.33 17.48 12.10
CA GLY A 220 10.24 17.89 11.05
C GLY A 220 9.89 17.20 9.76
N THR A 221 10.67 17.51 8.73
CA THR A 221 10.49 16.94 7.40
C THR A 221 11.62 15.96 7.14
N VAL A 222 11.27 14.79 6.62
CA VAL A 222 12.24 13.74 6.33
C VAL A 222 12.09 13.35 4.87
N THR A 223 13.20 12.88 4.29
CA THR A 223 13.21 12.34 2.95
C THR A 223 13.39 10.83 3.05
N LEU A 224 12.40 10.08 2.59
CA LEU A 224 12.45 8.63 2.56
C LEU A 224 12.98 8.17 1.21
N GLY A 225 13.66 7.03 1.22
CA GLY A 225 14.15 6.41 0.01
C GLY A 225 15.66 6.55 -0.14
N LYS A 226 16.16 5.99 -1.24
CA LYS A 226 17.59 5.86 -1.50
C LYS A 226 17.83 6.16 -2.97
N ALA A 227 18.87 6.94 -3.24
CA ALA A 227 19.18 7.31 -4.62
C ALA A 227 19.78 6.13 -5.37
N LYS A 228 19.58 6.13 -6.70
CA LYS A 228 20.06 5.03 -7.52
C LYS A 228 21.58 4.93 -7.49
N ASP A 229 22.28 6.05 -7.31
CA ASP A 229 23.73 6.09 -7.29
C ASP A 229 24.30 6.02 -5.87
N ASN A 230 23.49 5.64 -4.89
CA ASN A 230 23.99 5.50 -3.53
C ASN A 230 25.02 4.38 -3.48
N PRO A 231 26.17 4.60 -2.80
CA PRO A 231 27.26 3.60 -2.86
C PRO A 231 27.09 2.42 -1.92
N LEU A 232 25.88 1.87 -1.83
CA LEU A 232 25.60 0.72 -0.98
C LEU A 232 24.58 -0.16 -1.67
N TYR A 233 24.75 -1.48 -1.56
CA TYR A 233 23.75 -2.37 -2.10
C TYR A 233 22.42 -2.14 -1.40
N GLY A 234 21.33 -2.29 -2.15
CA GLY A 234 20.00 -2.20 -1.59
C GLY A 234 19.01 -2.93 -2.48
N TRP A 235 17.89 -3.32 -1.88
CA TRP A 235 16.82 -3.99 -2.60
C TRP A 235 15.91 -2.95 -3.25
N ASP A 236 15.12 -3.40 -4.23
CA ASP A 236 14.36 -2.48 -5.06
C ASP A 236 13.43 -1.59 -4.23
N CYS A 237 12.78 -2.17 -3.22
CA CYS A 237 11.83 -1.41 -2.42
C CYS A 237 12.49 -0.31 -1.60
N GLU A 238 13.82 -0.31 -1.51
CA GLU A 238 14.53 0.72 -0.76
C GLU A 238 14.65 2.03 -1.53
N TYR A 239 14.56 1.99 -2.86
CA TYR A 239 14.86 3.13 -3.70
C TYR A 239 13.62 3.95 -4.00
N GLY A 240 13.82 5.26 -4.13
CA GLY A 240 12.76 6.21 -4.37
C GLY A 240 13.04 7.49 -3.65
N ASP A 241 12.06 8.39 -3.67
CA ASP A 241 12.21 9.70 -3.04
C ASP A 241 10.85 10.20 -2.61
N ARG A 242 10.68 10.45 -1.31
CA ARG A 242 9.43 10.96 -0.77
C ARG A 242 9.74 11.90 0.38
N LEU A 243 9.28 13.14 0.28
CA LEU A 243 9.34 14.09 1.38
C LEU A 243 8.06 13.99 2.19
N VAL A 244 8.21 13.85 3.52
CA VAL A 244 7.07 13.71 4.41
C VAL A 244 7.24 14.69 5.55
N LYS A 245 6.27 15.56 5.75
CA LYS A 245 6.23 16.44 6.92
C LYS A 245 5.66 15.68 8.10
N VAL A 246 6.48 15.46 9.12
CA VAL A 246 6.09 14.69 10.30
C VAL A 246 5.81 15.66 11.44
N ASP A 247 4.58 15.63 11.95
CA ASP A 247 4.25 16.42 13.13
C ASP A 247 4.89 15.81 14.37
N SER A 248 5.15 16.66 15.36
CA SER A 248 5.74 16.19 16.61
C SER A 248 4.85 15.13 17.25
N PHE A 249 5.48 14.17 17.93
CA PHE A 249 4.75 13.09 18.57
C PHE A 249 5.53 12.59 19.78
N PHE A 250 4.82 11.92 20.67
CA PHE A 250 5.40 11.33 21.87
C PHE A 250 5.65 9.84 21.63
N ALA A 251 6.81 9.37 22.08
CA ALA A 251 7.18 7.96 21.93
C ALA A 251 7.91 7.49 23.18
N SER A 252 7.71 6.22 23.52
CA SER A 252 8.35 5.65 24.70
C SER A 252 9.84 5.50 24.46
N GLN A 253 10.65 5.93 25.44
CA GLN A 253 12.10 5.93 25.26
C GLN A 253 12.64 4.52 25.04
N TYR A 254 11.98 3.52 25.60
CA TYR A 254 12.37 2.12 25.43
C TYR A 254 11.30 1.36 24.65
N LEU A 255 11.74 0.30 23.98
CA LEU A 255 10.81 -0.70 23.49
C LEU A 255 10.08 -1.32 24.67
N VAL A 256 8.82 -1.68 24.47
CA VAL A 256 8.03 -2.28 25.56
C VAL A 256 8.75 -3.53 26.04
N THR A 257 8.94 -3.62 27.35
CA THR A 257 9.71 -4.71 27.95
C THR A 257 8.82 -5.90 28.27
N ASN A 258 9.46 -7.05 28.51
CA ASN A 258 8.75 -8.23 28.98
C ASN A 258 7.98 -7.93 30.26
N GLY A 259 8.60 -7.17 31.18
CA GLY A 259 7.92 -6.82 32.41
C GLY A 259 6.67 -5.99 32.16
N GLU A 260 6.76 -5.01 31.26
CA GLU A 260 5.60 -4.20 30.93
C GLU A 260 4.49 -5.04 30.32
N PHE A 261 4.84 -5.99 29.45
CA PHE A 261 3.82 -6.84 28.84
C PHE A 261 3.25 -7.84 29.85
N LEU A 262 4.03 -8.23 30.85
CA LEU A 262 3.52 -9.10 31.89
C LEU A 262 2.34 -8.45 32.62
N GLU A 263 2.43 -7.14 32.86
CA GLU A 263 1.31 -6.41 33.45
C GLU A 263 0.08 -6.49 32.57
N PHE A 264 0.26 -6.27 31.26
CA PHE A 264 -0.84 -6.41 30.31
C PHE A 264 -1.52 -7.76 30.46
N ILE A 265 -0.73 -8.84 30.58
CA ILE A 265 -1.30 -10.17 30.76
C ILE A 265 -2.06 -10.25 32.08
N ASN A 266 -1.42 -9.82 33.16
CA ASN A 266 -2.04 -9.92 34.49
C ASN A 266 -3.30 -9.07 34.59
N ARG A 267 -3.45 -8.04 33.75
CA ARG A 267 -4.67 -7.26 33.68
C ARG A 267 -5.64 -7.81 32.64
N LYS A 268 -5.55 -9.11 32.32
CA LYS A 268 -6.47 -9.78 31.41
C LYS A 268 -6.42 -9.18 30.01
N GLY A 269 -5.21 -8.91 29.53
CA GLY A 269 -5.07 -8.31 28.21
C GLY A 269 -5.49 -9.24 27.09
N TYR A 270 -5.20 -10.53 27.22
CA TYR A 270 -5.57 -11.50 26.19
C TYR A 270 -7.02 -11.96 26.30
N GLU A 271 -7.78 -11.47 27.27
CA GLU A 271 -9.13 -11.94 27.54
C GLU A 271 -10.18 -10.84 27.42
N THR A 272 -9.78 -9.64 27.00
CA THR A 272 -10.70 -8.51 26.87
C THR A 272 -10.79 -8.13 25.40
N GLN A 273 -11.95 -8.39 24.80
CA GLN A 273 -12.12 -8.11 23.37
C GLN A 273 -11.96 -6.63 23.04
N SER A 274 -12.27 -5.75 24.00
CA SER A 274 -12.20 -4.32 23.74
C SER A 274 -10.80 -3.90 23.29
N TYR A 275 -9.76 -4.61 23.76
CA TYR A 275 -8.39 -4.27 23.39
C TYR A 275 -8.01 -4.75 22.00
N TRP A 276 -8.73 -5.73 21.47
CA TRP A 276 -8.43 -6.34 20.19
C TRP A 276 -9.45 -5.89 19.13
N ASN A 277 -9.31 -6.45 17.94
CA ASN A 277 -10.33 -6.33 16.90
C ASN A 277 -10.75 -7.73 16.47
N GLU A 278 -11.78 -7.78 15.62
CA GLU A 278 -12.35 -9.06 15.24
C GLU A 278 -11.32 -9.96 14.55
N LYS A 279 -10.50 -9.38 13.68
CA LYS A 279 -9.48 -10.18 13.00
C LYS A 279 -8.41 -10.65 13.98
N SER A 280 -7.92 -9.74 14.83
CA SER A 280 -6.87 -10.12 15.78
C SER A 280 -7.38 -11.11 16.82
N TRP A 281 -8.62 -10.91 17.31
CA TRP A 281 -9.19 -11.85 18.26
C TRP A 281 -9.33 -13.24 17.66
N GLN A 282 -9.76 -13.32 16.39
CA GLN A 282 -9.89 -14.62 15.72
C GLN A 282 -8.56 -15.33 15.66
N TRP A 283 -7.49 -14.62 15.31
CA TRP A 283 -6.16 -15.21 15.33
C TRP A 283 -5.84 -15.79 16.70
N LYS A 284 -5.98 -14.97 17.74
CA LYS A 284 -5.63 -15.39 19.09
C LYS A 284 -6.40 -16.63 19.51
N GLU A 285 -7.72 -16.63 19.27
CA GLU A 285 -8.54 -17.77 19.68
C GLU A 285 -8.18 -19.03 18.89
N GLU A 286 -8.08 -18.90 17.57
CA GLU A 286 -7.76 -20.07 16.75
C GLU A 286 -6.43 -20.69 17.14
N ASN A 287 -5.48 -19.87 17.61
CA ASN A 287 -4.18 -20.34 18.04
C ASN A 287 -4.08 -20.48 19.55
N LYS A 288 -5.19 -20.28 20.27
CA LYS A 288 -5.25 -20.50 21.71
C LYS A 288 -4.11 -19.80 22.45
N VAL A 289 -3.91 -18.53 22.09
CA VAL A 289 -2.78 -17.76 22.60
C VAL A 289 -3.17 -17.15 23.94
N LYS A 290 -2.31 -17.33 24.94
CA LYS A 290 -2.46 -16.74 26.26
C LYS A 290 -1.29 -15.84 26.63
N ASN A 291 -0.21 -15.85 25.86
CA ASN A 291 1.00 -15.13 26.19
C ASN A 291 1.87 -15.05 24.94
N PRO A 292 2.93 -14.24 24.95
CA PRO A 292 3.82 -14.20 23.78
C PRO A 292 4.37 -15.58 23.45
N LYS A 293 4.68 -15.75 22.17
CA LYS A 293 5.01 -17.07 21.63
C LYS A 293 6.10 -17.77 22.43
N PHE A 294 7.13 -17.03 22.83
CA PHE A 294 8.32 -17.62 23.45
C PHE A 294 8.32 -17.46 24.96
N TRP A 295 7.15 -17.37 25.56
CA TRP A 295 6.96 -17.51 26.99
C TRP A 295 6.31 -18.86 27.27
N GLN A 296 6.53 -19.38 28.48
CA GLN A 296 5.89 -20.63 28.89
C GLN A 296 5.71 -20.60 30.39
N PHE A 297 4.47 -20.78 30.85
CA PHE A 297 4.14 -20.71 32.27
C PHE A 297 4.30 -22.08 32.91
N ASN A 298 5.10 -22.15 33.97
CA ASN A 298 5.30 -23.39 34.71
C ASN A 298 5.77 -23.05 36.11
N ASN A 299 5.21 -23.72 37.10
CA ASN A 299 5.59 -23.52 38.51
C ASN A 299 5.36 -22.07 38.92
N GLY A 300 4.22 -21.52 38.53
CA GLY A 300 3.84 -20.17 38.89
C GLY A 300 4.75 -19.10 38.31
N LYS A 301 5.58 -19.45 37.34
CA LYS A 301 6.54 -18.51 36.78
C LYS A 301 6.67 -18.72 35.28
N TYR A 302 6.94 -17.62 34.56
CA TYR A 302 7.12 -17.66 33.13
C TYR A 302 8.59 -17.95 32.79
N SER A 303 8.81 -18.99 31.98
CA SER A 303 10.11 -19.20 31.36
C SER A 303 10.11 -18.56 29.97
N TYR A 304 11.31 -18.33 29.43
CA TYR A 304 11.47 -17.66 28.15
C TYR A 304 12.46 -18.45 27.30
N ARG A 305 12.11 -18.64 26.04
CA ARG A 305 12.92 -19.44 25.11
C ARG A 305 13.82 -18.52 24.31
N ALA A 306 15.11 -18.51 24.66
CA ALA A 306 16.14 -17.92 23.81
C ALA A 306 16.40 -18.88 22.65
N MET A 307 17.46 -18.63 21.89
CA MET A 307 17.71 -19.45 20.70
C MET A 307 17.81 -20.93 21.04
N PHE A 308 18.55 -21.27 22.11
CA PHE A 308 18.90 -22.66 22.40
C PHE A 308 18.54 -23.13 23.79
N ASP A 309 18.14 -22.24 24.70
CA ASP A 309 17.85 -22.61 26.07
C ASP A 309 16.60 -21.89 26.55
N GLU A 310 15.91 -22.50 27.51
CA GLU A 310 14.84 -21.85 28.23
C GLU A 310 15.41 -21.25 29.51
N ILE A 311 15.07 -19.99 29.77
CA ILE A 311 15.65 -19.25 30.88
C ILE A 311 14.56 -18.46 31.58
N PRO A 312 14.82 -18.02 32.81
CA PRO A 312 13.86 -17.13 33.50
C PRO A 312 13.57 -15.91 32.66
N LEU A 313 12.31 -15.49 32.65
CA LEU A 313 11.88 -14.40 31.78
C LEU A 313 12.74 -13.15 32.02
N PRO A 314 13.49 -12.68 31.00
CA PRO A 314 14.28 -11.46 31.18
C PRO A 314 13.39 -10.22 31.18
N LEU A 315 13.10 -9.69 32.36
CA LEU A 315 12.07 -8.67 32.49
C LEU A 315 12.44 -7.37 31.79
N ASP A 316 13.74 -7.09 31.64
CA ASP A 316 14.18 -5.83 31.05
C ASP A 316 14.46 -5.95 29.55
N TRP A 317 14.30 -7.13 28.96
CA TRP A 317 14.44 -7.26 27.52
C TRP A 317 13.18 -6.77 26.81
N PRO A 318 13.30 -6.33 25.56
CA PRO A 318 12.10 -5.97 24.80
C PRO A 318 11.22 -7.19 24.56
N VAL A 319 9.91 -7.02 24.73
CA VAL A 319 8.98 -8.12 24.48
C VAL A 319 8.94 -8.40 22.98
N GLU A 320 8.83 -9.67 22.63
CA GLU A 320 8.76 -10.11 21.24
C GLU A 320 7.33 -10.56 20.96
N VAL A 321 6.68 -9.88 20.02
CA VAL A 321 5.26 -10.07 19.73
C VAL A 321 5.03 -9.86 18.24
N ASN A 322 3.84 -10.23 17.77
CA ASN A 322 3.43 -9.88 16.42
C ASN A 322 2.66 -8.56 16.46
N TYR A 323 2.18 -8.13 15.29
CA TYR A 323 1.51 -6.84 15.19
C TYR A 323 0.19 -6.84 15.94
N TYR A 324 -0.56 -7.94 15.87
CA TYR A 324 -1.82 -8.04 16.61
C TYR A 324 -1.61 -7.80 18.09
N GLU A 325 -0.58 -8.43 18.66
CA GLU A 325 -0.34 -8.31 20.10
C GLU A 325 0.14 -6.91 20.46
N ALA A 326 0.99 -6.32 19.63
CA ALA A 326 1.40 -4.93 19.88
C ALA A 326 0.19 -4.01 19.93
N MET A 327 -0.76 -4.19 19.01
CA MET A 327 -1.94 -3.33 18.96
C MET A 327 -2.86 -3.59 20.16
N ALA A 328 -2.96 -4.85 20.59
CA ALA A 328 -3.74 -5.14 21.79
C ALA A 328 -3.17 -4.42 23.01
N TYR A 329 -1.84 -4.38 23.13
CA TYR A 329 -1.21 -3.62 24.20
C TYR A 329 -1.55 -2.14 24.09
N CYS A 330 -1.47 -1.59 22.87
CA CYS A 330 -1.88 -0.20 22.67
C CYS A 330 -3.34 0.00 23.08
N GLY A 331 -4.21 -0.96 22.77
CA GLY A 331 -5.60 -0.84 23.17
C GLY A 331 -5.78 -0.81 24.67
N TRP A 332 -5.03 -1.65 25.38
CA TRP A 332 -5.05 -1.63 26.84
C TRP A 332 -4.57 -0.29 27.38
N LYS A 333 -3.52 0.26 26.76
CA LYS A 333 -3.03 1.57 27.18
C LYS A 333 -4.04 2.66 26.91
N GLY A 334 -4.85 2.52 25.86
CA GLY A 334 -5.86 3.51 25.54
C GLY A 334 -5.24 4.85 25.18
N LYS A 335 -6.08 5.89 25.28
CA LYS A 335 -5.65 7.27 25.08
C LYS A 335 -5.07 7.48 23.67
N GLY A 336 -5.65 6.78 22.70
CA GLY A 336 -5.16 6.88 21.33
C GLY A 336 -3.78 6.32 21.12
N THR A 337 -3.31 5.47 22.04
CA THR A 337 -1.98 4.88 21.91
C THR A 337 -1.88 4.10 20.61
N ARG A 338 -0.75 4.24 19.93
CA ARG A 338 -0.60 3.69 18.59
C ARG A 338 0.87 3.37 18.32
N LEU A 339 1.16 2.95 17.10
CA LEU A 339 2.51 2.66 16.64
C LEU A 339 2.95 3.72 15.64
N MET A 340 4.26 3.83 15.47
CA MET A 340 4.82 4.83 14.58
C MET A 340 4.56 4.49 13.11
N SER A 341 4.61 5.52 12.28
CA SER A 341 4.70 5.37 10.83
C SER A 341 6.16 5.20 10.43
N GLU A 342 6.39 4.82 9.17
CA GLU A 342 7.75 4.73 8.67
C GLU A 342 8.45 6.09 8.75
N ALA A 343 7.73 7.16 8.40
CA ALA A 343 8.32 8.50 8.46
C ALA A 343 8.62 8.90 9.89
N GLU A 344 7.74 8.54 10.83
CA GLU A 344 7.96 8.88 12.23
C GLU A 344 9.21 8.18 12.76
N TRP A 345 9.38 6.90 12.44
CA TRP A 345 10.58 6.19 12.86
C TRP A 345 11.84 6.81 12.27
N ASN A 346 11.80 7.17 10.98
CA ASN A 346 12.97 7.77 10.34
C ASN A 346 13.34 9.08 10.99
N LEU A 347 12.36 9.91 11.30
CA LEU A 347 12.64 11.17 11.98
C LEU A 347 13.32 10.93 13.33
N ALA A 348 12.75 10.03 14.14
CA ALA A 348 13.31 9.77 15.45
C ALA A 348 14.69 9.15 15.38
N ALA A 349 14.94 8.32 14.36
CA ALA A 349 16.19 7.58 14.26
C ALA A 349 17.30 8.37 13.58
N TYR A 350 16.98 9.12 12.52
CA TYR A 350 17.99 9.78 11.72
C TYR A 350 17.77 11.27 11.57
N GLY A 351 16.67 11.82 12.06
CA GLY A 351 16.44 13.24 12.02
C GLY A 351 16.06 13.75 10.64
N SER A 352 16.14 15.08 10.51
CA SER A 352 15.74 15.74 9.27
C SER A 352 16.88 15.85 8.27
N ASN A 353 18.13 15.81 8.73
CA ASN A 353 19.29 15.82 7.85
C ASN A 353 19.10 14.86 6.67
N TYR A 356 22.25 12.65 4.56
CA TYR A 356 22.86 11.87 5.64
C TYR A 356 23.85 10.87 5.06
N GLN A 357 25.07 10.87 5.61
CA GLN A 357 26.14 9.98 5.16
C GLN A 357 26.25 8.82 6.12
N VAL A 358 25.91 7.61 5.65
CA VAL A 358 25.96 6.44 6.51
C VAL A 358 27.40 6.14 6.90
N ASP A 359 27.61 5.83 8.18
CA ASP A 359 28.92 5.42 8.71
C ASP A 359 28.74 3.98 9.20
N ILE A 360 29.26 3.03 8.43
CA ILE A 360 29.04 1.62 8.73
C ILE A 360 29.54 1.25 10.12
N GLU A 361 30.62 1.89 10.57
CA GLU A 361 31.16 1.57 11.89
C GLU A 361 30.15 1.85 13.00
N LYS A 362 29.18 2.72 12.77
CA LYS A 362 28.16 3.01 13.78
C LYS A 362 27.28 1.81 14.09
N VAL A 363 27.34 0.76 13.27
CA VAL A 363 26.60 -0.46 13.58
C VAL A 363 27.11 -1.07 14.89
N ASN A 364 28.38 -0.82 15.23
CA ASN A 364 28.94 -1.30 16.48
C ASN A 364 28.32 -0.64 17.71
N ASP A 365 27.58 0.46 17.53
CA ASP A 365 27.01 1.21 18.63
C ASP A 365 25.64 0.69 19.07
N TYR A 366 25.11 -0.32 18.40
CA TYR A 366 23.77 -0.84 18.67
C TYR A 366 23.82 -2.36 18.75
N ASN A 367 22.81 -2.95 19.37
CA ASN A 367 22.71 -4.41 19.41
C ASN A 367 22.33 -4.88 18.02
N LEU A 368 23.35 -4.98 17.17
CA LEU A 368 23.20 -5.39 15.78
C LEU A 368 24.39 -6.28 15.44
N ASN A 369 24.27 -7.02 14.35
CA ASN A 369 25.42 -7.72 13.77
C ASN A 369 26.08 -8.66 14.78
N LEU A 370 25.26 -9.32 15.60
CA LEU A 370 25.71 -10.35 16.53
C LEU A 370 26.65 -9.81 17.61
N LYS A 371 26.46 -8.55 17.99
CA LYS A 371 27.06 -8.07 19.23
C LYS A 371 26.65 -8.97 20.39
N PHE A 372 25.36 -9.34 20.43
CA PHE A 372 24.82 -10.31 21.35
C PHE A 372 24.11 -11.39 20.54
N GLY A 373 23.94 -12.57 21.15
CA GLY A 373 23.20 -13.63 20.52
C GLY A 373 21.77 -13.68 21.02
N SER A 374 21.26 -12.52 21.43
CA SER A 374 19.93 -12.41 22.01
C SER A 374 19.51 -10.95 22.07
N PRO A 375 18.25 -10.67 22.40
CA PRO A 375 17.87 -9.29 22.74
C PRO A 375 18.62 -8.83 23.99
N SER A 376 18.73 -7.51 24.13
CA SER A 376 19.47 -6.93 25.24
C SER A 376 18.54 -6.10 26.12
N PRO A 377 18.88 -5.94 27.40
CA PRO A 377 18.10 -5.02 28.25
C PRO A 377 18.05 -3.64 27.62
N VAL A 378 16.86 -3.05 27.60
CA VAL A 378 16.70 -1.73 27.00
C VAL A 378 17.60 -0.76 27.73
N GLY A 379 18.45 -0.06 26.97
CA GLY A 379 19.37 0.91 27.53
C GLY A 379 20.72 0.36 27.96
N LEU A 380 20.94 -0.95 27.85
CA LEU A 380 22.21 -1.52 28.28
C LEU A 380 23.35 -1.04 27.41
N VAL A 381 23.20 -1.10 26.09
CA VAL A 381 24.18 -0.56 25.16
C VAL A 381 24.11 0.96 25.25
N LYS A 382 25.04 1.55 26.00
CA LYS A 382 25.01 2.98 26.26
C LYS A 382 25.20 3.82 25.01
N THR A 383 25.68 3.22 23.92
CA THR A 383 25.87 3.92 22.66
C THR A 383 24.64 3.86 21.76
N ALA A 384 23.53 3.30 22.25
CA ALA A 384 22.38 2.98 21.39
C ALA A 384 21.21 3.94 21.56
N GLN A 385 21.46 5.14 22.11
CA GLN A 385 20.44 6.17 22.21
C GLN A 385 20.56 7.10 21.01
N SER A 386 19.50 7.18 20.21
CA SER A 386 19.47 8.12 19.10
C SER A 386 19.41 9.55 19.62
N HIS A 387 19.76 10.49 18.74
CA HIS A 387 19.75 11.90 19.14
C HIS A 387 18.37 12.34 19.60
N SER A 388 17.31 11.69 19.12
CA SER A 388 15.97 11.99 19.57
C SER A 388 15.77 11.68 21.06
N GLY A 389 16.65 10.89 21.65
CA GLY A 389 16.50 10.43 23.01
C GLY A 389 15.91 9.04 23.14
N LEU A 390 15.45 8.46 22.04
CA LEU A 390 14.88 7.12 22.06
C LEU A 390 15.98 6.08 22.00
N TRP A 391 15.81 4.99 22.75
CA TRP A 391 16.80 3.92 22.84
C TRP A 391 16.43 2.77 21.92
N ASP A 392 17.45 2.16 21.31
CA ASP A 392 17.29 0.94 20.52
C ASP A 392 16.30 1.12 19.36
N LEU A 393 16.19 2.34 18.83
CA LEU A 393 15.52 2.50 17.54
C LEU A 393 16.20 1.64 16.49
N ARG A 394 17.54 1.60 16.54
CA ARG A 394 18.34 0.67 15.76
C ARG A 394 18.78 -0.46 16.67
N GLY A 395 18.59 -1.70 16.23
CA GLY A 395 19.10 -2.84 16.96
C GLY A 395 18.17 -3.35 18.05
N ASN A 396 18.68 -4.35 18.77
CA ASN A 396 17.96 -5.08 19.81
C ASN A 396 16.85 -5.99 19.29
N VAL A 397 15.81 -5.42 18.70
CA VAL A 397 14.77 -6.19 18.01
C VAL A 397 14.19 -5.25 16.97
N TRP A 398 13.77 -5.82 15.84
CA TRP A 398 12.96 -5.08 14.89
C TRP A 398 11.78 -4.47 15.63
N GLU A 399 11.26 -3.34 15.16
CA GLU A 399 10.08 -2.76 15.77
C GLU A 399 8.99 -2.56 14.73
N TRP A 400 7.80 -3.07 15.05
CA TRP A 400 6.63 -2.94 14.20
C TRP A 400 6.26 -1.48 13.99
N LEU A 401 5.68 -1.20 12.84
CA LEU A 401 5.18 0.13 12.49
C LEU A 401 3.78 0.00 11.92
N ASP A 402 2.91 0.96 12.22
CA ASP A 402 1.59 1.00 11.60
C ASP A 402 1.76 1.61 10.21
N GLU A 403 2.24 0.78 9.29
CA GLU A 403 2.53 1.22 7.93
C GLU A 403 2.39 0.02 7.01
N ASN A 404 1.39 0.05 6.13
CA ASN A 404 1.26 -0.98 5.12
C ASN A 404 2.44 -0.88 4.14
N PHE A 405 3.11 -2.01 3.91
CA PHE A 405 4.23 -2.03 2.97
C PHE A 405 3.79 -1.48 1.62
N HIS A 406 4.54 -0.53 1.09
CA HIS A 406 4.12 0.22 -0.09
C HIS A 406 5.35 0.74 -0.82
N PRO A 407 5.24 1.04 -2.12
CA PRO A 407 6.37 1.59 -2.86
C PRO A 407 6.57 3.07 -2.60
N LEU A 408 7.83 3.51 -2.73
CA LEU A 408 8.15 4.93 -2.67
C LEU A 408 8.22 5.50 -4.09
N PRO A 409 7.89 6.77 -4.31
CA PRO A 409 7.94 7.33 -5.67
C PRO A 409 9.30 7.13 -6.31
N GLY A 410 9.33 6.46 -7.45
CA GLY A 410 10.56 6.11 -8.13
C GLY A 410 10.87 4.62 -8.12
N PHE A 411 10.10 3.84 -7.35
CA PHE A 411 10.32 2.41 -7.26
C PHE A 411 10.39 1.77 -8.64
N GLU A 412 11.28 0.78 -8.77
CA GLU A 412 11.43 0.01 -10.01
C GLU A 412 11.94 -1.39 -9.67
N PRO A 413 11.23 -2.45 -10.06
CA PRO A 413 11.76 -3.80 -9.84
C PRO A 413 13.07 -4.01 -10.59
N HIS A 414 13.96 -4.78 -9.98
CA HIS A 414 15.23 -5.13 -10.60
C HIS A 414 15.06 -6.40 -11.43
N PHE A 415 15.71 -6.43 -12.59
CA PHE A 415 15.52 -7.56 -13.51
C PHE A 415 15.96 -8.88 -12.88
N LEU A 416 16.87 -8.83 -11.89
CA LEU A 416 17.35 -10.05 -11.25
C LEU A 416 16.32 -10.67 -10.33
N TYR A 417 15.32 -9.90 -9.88
CA TYR A 417 14.38 -10.38 -8.87
C TYR A 417 13.15 -9.49 -8.89
N GLU A 418 12.33 -9.62 -9.94
CA GLU A 418 11.22 -8.71 -10.16
C GLU A 418 10.10 -8.91 -9.15
N ASP A 419 10.01 -10.08 -8.51
CA ASP A 419 8.98 -10.39 -7.53
C ASP A 419 9.43 -10.20 -6.09
N ASN A 420 10.49 -9.41 -5.87
CA ASN A 420 11.02 -9.26 -4.52
C ASN A 420 10.00 -8.60 -3.60
N SER A 421 9.46 -7.46 -4.01
CA SER A 421 8.57 -6.66 -3.18
C SER A 421 7.22 -6.36 -3.82
N ALA A 422 7.17 -6.21 -5.13
CA ALA A 422 5.93 -5.82 -5.80
C ALA A 422 4.72 -6.64 -5.38
N PRO A 423 4.80 -7.97 -5.23
CA PRO A 423 3.59 -8.74 -4.89
C PRO A 423 3.06 -8.46 -3.48
N PHE A 424 3.83 -7.79 -2.64
CA PHE A 424 3.47 -7.59 -1.24
C PHE A 424 3.00 -6.17 -0.96
N PHE A 425 2.78 -5.37 -2.01
CA PHE A 425 2.08 -4.10 -1.88
C PHE A 425 0.57 -4.33 -1.92
N ASP A 426 0.08 -5.08 -0.93
CA ASP A 426 -1.28 -5.60 -0.97
C ASP A 426 -2.12 -5.21 0.24
N ASN A 427 -1.64 -4.28 1.07
CA ASN A 427 -2.34 -3.86 2.28
C ASN A 427 -2.54 -5.00 3.28
N ASN A 428 -1.80 -6.09 3.13
CA ASN A 428 -1.84 -7.20 4.09
C ASN A 428 -0.52 -7.40 4.80
N HIS A 429 0.42 -6.47 4.65
CA HIS A 429 1.74 -6.58 5.26
C HIS A 429 2.07 -5.28 5.98
N LYS A 430 2.49 -5.39 7.24
CA LYS A 430 2.93 -4.25 8.04
C LYS A 430 4.46 -4.21 8.07
N MET A 431 5.01 -3.01 8.19
CA MET A 431 6.46 -2.85 8.11
C MET A 431 7.12 -2.92 9.48
N MET A 432 8.43 -3.12 9.47
CA MET A 432 9.26 -3.05 10.66
C MET A 432 10.65 -2.60 10.25
N LEU A 433 11.31 -1.87 11.14
CA LEU A 433 12.56 -1.19 10.82
C LEU A 433 13.52 -1.24 12.00
N GLY A 434 14.81 -1.00 11.72
CA GLY A 434 15.82 -0.79 12.73
C GLY A 434 16.83 -1.91 12.84
N GLY A 435 16.44 -3.14 12.52
CA GLY A 435 17.29 -4.29 12.69
C GLY A 435 17.24 -4.84 14.10
N ALA A 436 17.67 -6.10 14.22
CA ALA A 436 17.72 -6.81 15.49
C ALA A 436 19.14 -7.29 15.77
N TRP A 437 19.32 -7.94 16.93
CA TRP A 437 20.63 -8.46 17.30
C TRP A 437 21.18 -9.43 16.26
N VAL A 438 20.30 -10.13 15.55
CA VAL A 438 20.72 -11.13 14.56
C VAL A 438 20.92 -10.51 13.18
N THR A 439 20.54 -9.25 12.98
CA THR A 439 20.58 -8.64 11.66
C THR A 439 22.01 -8.28 11.26
N GLN A 440 22.34 -8.54 10.00
CA GLN A 440 23.69 -8.32 9.48
C GLN A 440 23.62 -7.62 8.12
N GLY A 441 24.79 -7.24 7.63
CA GLY A 441 24.92 -6.70 6.27
C GLY A 441 24.26 -5.34 6.10
N THR A 442 23.91 -5.05 4.83
CA THR A 442 23.25 -3.78 4.52
C THR A 442 21.90 -3.67 5.21
N GLU A 443 21.33 -4.78 5.68
CA GLU A 443 20.08 -4.75 6.42
C GLU A 443 20.22 -4.06 7.76
N THR A 444 21.45 -3.80 8.22
CA THR A 444 21.69 -3.07 9.46
C THR A 444 21.65 -1.56 9.27
N LEU A 445 21.53 -1.07 8.03
CA LEU A 445 21.71 0.33 7.72
C LEU A 445 20.39 1.01 7.39
N LYS A 446 20.49 2.31 7.09
CA LYS A 446 19.33 3.20 7.05
C LYS A 446 18.26 2.77 6.04
N TYR A 447 18.66 2.33 4.86
CA TYR A 447 17.71 2.25 3.75
C TYR A 447 16.91 0.95 3.70
N TYR A 448 17.29 -0.08 4.44
CA TYR A 448 16.56 -1.34 4.37
C TYR A 448 15.13 -1.17 4.89
N ARG A 449 14.17 -1.74 4.15
CA ARG A 449 12.76 -1.67 4.50
C ARG A 449 12.22 -3.08 4.63
N ASN A 450 11.67 -3.41 5.81
CA ASN A 450 11.25 -4.76 6.15
C ASN A 450 9.74 -4.82 6.30
N TRP A 451 9.18 -6.01 6.11
CA TRP A 451 7.72 -6.15 6.12
C TRP A 451 7.34 -7.60 6.41
N PHE A 452 6.18 -7.77 7.07
CA PHE A 452 5.67 -9.10 7.39
C PHE A 452 4.16 -9.04 7.58
N ARG A 453 3.51 -10.17 7.36
CA ARG A 453 2.09 -10.28 7.69
C ARG A 453 1.91 -10.07 9.19
N PRO A 454 0.82 -9.43 9.62
CA PRO A 454 0.75 -8.97 11.01
C PRO A 454 0.66 -10.09 12.05
N ASN A 455 0.38 -11.33 11.65
CA ASN A 455 0.32 -12.43 12.60
C ASN A 455 1.66 -13.13 12.77
N PHE A 456 2.64 -12.83 11.91
CA PHE A 456 3.90 -13.54 11.88
C PHE A 456 4.82 -13.08 13.01
N TYR A 457 5.68 -14.00 13.45
CA TYR A 457 6.64 -13.73 14.51
C TYR A 457 8.04 -13.55 13.93
N GLN A 458 8.75 -12.54 14.40
CA GLN A 458 10.15 -12.33 14.08
C GLN A 458 10.85 -11.91 15.37
N HIS A 459 12.16 -11.65 15.28
CA HIS A 459 12.86 -11.02 16.40
C HIS A 459 12.43 -9.56 16.44
N ALA A 460 11.18 -9.32 16.86
CA ALA A 460 10.55 -8.02 16.68
C ALA A 460 9.71 -7.66 17.89
N GLY A 461 9.77 -6.39 18.27
CA GLY A 461 8.96 -5.85 19.35
C GLY A 461 8.31 -4.56 18.88
N PHE A 462 8.17 -3.62 19.83
CA PHE A 462 7.51 -2.37 19.49
C PHE A 462 7.71 -1.35 20.62
N ARG A 463 7.48 -0.10 20.29
CA ARG A 463 7.35 0.98 21.26
C ARG A 463 6.02 1.67 21.00
N ILE A 464 5.52 2.39 22.00
CA ILE A 464 4.19 2.97 21.92
C ILE A 464 4.31 4.46 21.65
N VAL A 465 3.28 5.01 21.01
CA VAL A 465 3.28 6.40 20.58
C VAL A 465 1.92 7.02 20.92
N THR A 466 1.96 8.29 21.32
CA THR A 466 0.76 9.10 21.49
C THR A 466 0.99 10.43 20.77
N ASN A 467 -0.07 10.98 20.18
CA ASN A 467 0.05 12.29 19.55
C ASN A 467 0.09 13.42 20.58
N HIS A 468 -0.53 13.21 21.74
CA HIS A 468 -0.50 14.21 22.80
C HIS A 468 -0.23 13.58 24.16
N SER B 22 -32.71 20.54 -26.01
CA SER B 22 -32.42 19.18 -25.59
C SER B 22 -30.98 19.06 -25.14
N PHE B 23 -30.73 18.13 -24.23
CA PHE B 23 -29.38 17.86 -23.74
C PHE B 23 -28.79 16.66 -24.47
N ILE B 24 -27.56 16.82 -24.96
CA ILE B 24 -26.97 15.80 -25.81
C ILE B 24 -26.76 14.51 -25.03
N LYS B 25 -26.83 13.39 -25.74
CA LYS B 25 -26.51 12.10 -25.16
C LYS B 25 -24.99 11.93 -25.12
N SER B 26 -24.48 11.41 -24.01
CA SER B 26 -23.07 11.07 -23.90
C SER B 26 -22.83 9.74 -24.59
N GLN B 27 -21.91 9.71 -25.55
CA GLN B 27 -21.60 8.51 -26.29
C GLN B 27 -20.77 7.56 -25.43
N LEU B 28 -21.11 6.28 -25.50
CA LEU B 28 -20.43 5.28 -24.69
C LEU B 28 -19.03 5.03 -25.23
N PRO B 29 -18.13 4.51 -24.38
CA PRO B 29 -16.78 4.17 -24.85
C PRO B 29 -16.83 3.10 -25.94
N ILE B 30 -15.70 2.94 -26.62
CA ILE B 30 -15.59 2.02 -27.74
C ILE B 30 -14.39 1.10 -27.49
N PHE B 31 -14.54 -0.17 -27.89
CA PHE B 31 -13.43 -1.10 -27.84
C PHE B 31 -12.33 -0.65 -28.80
N LEU B 32 -11.07 -0.89 -28.43
CA LEU B 32 -9.94 -0.46 -29.23
C LEU B 32 -9.61 -1.42 -30.37
N ASN B 33 -10.28 -2.58 -30.44
CA ASN B 33 -10.15 -3.48 -31.57
C ASN B 33 -11.27 -3.31 -32.58
N ASN B 34 -12.15 -2.32 -32.38
CA ASN B 34 -13.27 -2.08 -33.28
C ASN B 34 -13.53 -0.59 -33.44
N CYS B 35 -12.48 0.23 -33.38
CA CYS B 35 -12.60 1.68 -33.46
C CYS B 35 -12.34 2.13 -34.89
N THR B 36 -13.30 2.82 -35.48
CA THR B 36 -13.14 3.46 -36.78
C THR B 36 -12.75 4.92 -36.57
N GLN B 37 -12.08 5.49 -37.57
CA GLN B 37 -11.78 6.92 -37.53
C GLN B 37 -13.03 7.74 -37.30
N ASP B 38 -14.16 7.30 -37.88
CA ASP B 38 -15.42 8.02 -37.70
C ASP B 38 -15.93 7.88 -36.27
N SER B 39 -15.92 6.66 -35.74
CA SER B 39 -16.36 6.45 -34.36
C SER B 39 -15.51 7.28 -33.39
N VAL B 40 -14.20 7.33 -33.61
CA VAL B 40 -13.32 8.06 -32.71
C VAL B 40 -13.56 9.55 -32.83
N ILE B 41 -13.72 10.06 -34.06
CA ILE B 41 -14.04 11.47 -34.23
C ILE B 41 -15.34 11.82 -33.51
N ASN B 42 -16.34 10.94 -33.62
CA ASN B 42 -17.61 11.17 -32.94
C ASN B 42 -17.43 11.20 -31.43
N TYR B 43 -16.67 10.24 -30.90
CA TYR B 43 -16.38 10.22 -29.47
C TYR B 43 -15.59 11.45 -29.04
N PHE B 44 -14.59 11.82 -29.84
CA PHE B 44 -13.80 13.02 -29.56
C PHE B 44 -14.69 14.26 -29.55
N GLN B 45 -15.50 14.42 -30.60
CA GLN B 45 -16.40 15.56 -30.68
C GLN B 45 -17.39 15.58 -29.52
N ASN B 46 -17.93 14.42 -29.17
CA ASN B 46 -18.86 14.35 -28.04
C ASN B 46 -18.18 14.73 -26.73
N SER B 47 -16.97 14.21 -26.50
CA SER B 47 -16.23 14.55 -25.29
C SER B 47 -16.02 16.05 -25.17
N TRP B 48 -15.55 16.67 -26.25
CA TRP B 48 -15.30 18.12 -26.25
C TRP B 48 -16.60 18.89 -26.10
N GLU B 49 -17.63 18.49 -26.85
CA GLU B 49 -18.92 19.16 -26.79
C GLU B 49 -19.47 19.18 -25.38
N LEU B 50 -19.36 18.05 -24.68
CA LEU B 50 -19.88 17.95 -23.31
C LEU B 50 -19.14 18.88 -22.36
N GLU B 51 -17.81 18.93 -22.46
CA GLU B 51 -17.04 19.83 -21.62
C GLU B 51 -17.40 21.29 -21.91
N ASN B 52 -17.61 21.62 -23.18
CA ASN B 52 -17.99 22.98 -23.53
C ASN B 52 -19.33 23.35 -22.90
N ILE B 53 -20.28 22.43 -22.89
CA ILE B 53 -21.57 22.70 -22.26
C ILE B 53 -21.37 23.01 -20.78
N LEU B 54 -20.57 22.19 -20.10
CA LEU B 54 -20.31 22.42 -18.68
C LEU B 54 -19.65 23.78 -18.47
N MET B 55 -18.62 24.09 -19.26
CA MET B 55 -17.90 25.34 -19.08
C MET B 55 -18.76 26.54 -19.43
N ARG B 56 -19.69 26.39 -20.39
CA ARG B 56 -20.59 27.48 -20.75
C ARG B 56 -21.67 27.71 -19.69
N SER B 57 -21.79 26.82 -18.72
CA SER B 57 -22.70 27.06 -17.60
C SER B 57 -22.30 28.28 -16.78
N ILE B 58 -21.03 28.68 -16.82
CA ILE B 58 -20.53 29.81 -16.06
C ILE B 58 -21.00 31.10 -16.72
N ILE B 59 -21.75 31.92 -15.98
CA ILE B 59 -22.41 33.07 -16.58
C ILE B 59 -21.43 34.22 -16.80
N ASP B 60 -20.64 34.54 -15.79
CA ASP B 60 -19.75 35.71 -15.84
C ASP B 60 -18.30 35.26 -15.98
N ASP B 61 -17.54 36.01 -16.80
CA ASP B 61 -16.14 35.65 -17.05
C ASP B 61 -15.29 35.78 -15.80
N GLU B 62 -15.64 36.69 -14.89
CA GLU B 62 -14.87 36.84 -13.66
C GLU B 62 -14.87 35.56 -12.85
N THR B 63 -15.96 34.78 -12.92
CA THR B 63 -16.06 33.54 -12.16
C THR B 63 -14.98 32.54 -12.54
N PHE B 64 -14.36 32.68 -13.71
CA PHE B 64 -13.32 31.75 -14.14
C PHE B 64 -12.04 31.90 -13.34
N TYR B 65 -11.91 33.02 -12.62
CA TYR B 65 -10.68 33.30 -11.84
C TYR B 65 -10.93 33.00 -10.36
N ILE B 66 -12.16 32.65 -9.99
CA ILE B 66 -12.44 32.20 -8.60
C ILE B 66 -11.96 30.76 -8.53
N ASN B 67 -11.47 30.32 -7.37
CA ASN B 67 -11.13 28.89 -7.20
C ASN B 67 -12.17 28.34 -6.22
N PRO B 68 -13.34 27.87 -6.71
CA PRO B 68 -14.41 27.43 -5.82
C PRO B 68 -13.86 26.45 -4.79
N ASP B 69 -12.99 25.53 -5.20
CA ASP B 69 -12.33 24.61 -4.24
C ASP B 69 -10.88 25.07 -4.01
N ARG B 72 -7.67 24.01 -5.06
CA ARG B 72 -7.39 23.69 -6.45
C ARG B 72 -7.16 24.96 -7.27
N ASN B 73 -6.74 24.79 -8.52
CA ASN B 73 -6.46 25.93 -9.38
C ASN B 73 -7.75 26.66 -9.76
N PRO B 74 -7.64 27.89 -10.26
CA PRO B 74 -8.84 28.59 -10.73
C PRO B 74 -9.49 27.86 -11.91
N LEU B 75 -10.75 28.20 -12.15
CA LEU B 75 -11.50 27.53 -13.21
C LEU B 75 -10.91 27.82 -14.60
N ILE B 76 -10.24 28.95 -14.75
CA ILE B 76 -9.59 29.27 -16.03
C ILE B 76 -8.59 28.19 -16.39
N PHE B 77 -7.92 27.61 -15.39
CA PHE B 77 -7.00 26.50 -15.63
C PHE B 77 -7.72 25.33 -16.29
N TYR B 78 -8.85 24.92 -15.72
CA TYR B 78 -9.58 23.76 -16.22
C TYR B 78 -10.23 24.02 -17.56
N LEU B 79 -10.45 25.28 -17.94
CA LEU B 79 -10.92 25.58 -19.28
C LEU B 79 -9.90 25.13 -20.32
N GLY B 80 -8.61 25.31 -20.04
CA GLY B 80 -7.58 25.00 -21.01
C GLY B 80 -6.83 23.71 -20.74
N HIS B 81 -6.94 23.19 -19.52
CA HIS B 81 -6.14 22.03 -19.13
C HIS B 81 -6.37 20.84 -20.06
N SER B 82 -7.64 20.52 -20.33
CA SER B 82 -7.94 19.36 -21.15
C SER B 82 -7.35 19.50 -22.56
N ALA B 83 -7.48 20.70 -23.15
CA ALA B 83 -6.90 20.92 -24.47
C ALA B 83 -5.38 20.79 -24.43
N ALA B 84 -4.74 21.45 -23.47
CA ALA B 84 -3.28 21.38 -23.37
C ALA B 84 -2.81 19.95 -23.19
N PHE B 85 -3.53 19.17 -22.36
CA PHE B 85 -3.18 17.76 -22.16
C PHE B 85 -3.10 17.02 -23.49
N TYR B 86 -4.13 17.15 -24.33
CA TYR B 86 -4.12 16.57 -25.66
C TYR B 86 -2.82 16.91 -26.38
N ILE B 87 -2.54 18.22 -26.47
CA ILE B 87 -1.42 18.70 -27.27
C ILE B 87 -0.10 18.14 -26.73
N ASN B 88 0.10 18.24 -25.43
CA ASN B 88 1.36 17.78 -24.83
C ASN B 88 1.58 16.31 -25.12
N LYS B 89 0.55 15.48 -24.93
CA LYS B 89 0.71 14.05 -25.15
C LYS B 89 0.95 13.75 -26.63
N LEU B 90 0.26 14.47 -27.52
CA LEU B 90 0.40 14.20 -28.94
C LEU B 90 1.79 14.56 -29.45
N ILE B 91 2.41 15.59 -28.86
CA ILE B 91 3.78 15.93 -29.22
C ILE B 91 4.75 14.83 -28.78
N ARG B 92 4.55 14.30 -27.58
CA ARG B 92 5.45 13.27 -27.06
C ARG B 92 5.45 12.02 -27.94
N VAL B 93 4.31 11.71 -28.56
CA VAL B 93 4.23 10.56 -29.45
C VAL B 93 4.50 10.92 -30.91
N GLU B 94 4.96 12.14 -31.17
CA GLU B 94 5.38 12.59 -32.50
C GLU B 94 4.23 12.68 -33.49
N LEU B 95 2.98 12.61 -33.03
CA LEU B 95 1.84 12.87 -33.89
C LEU B 95 1.69 14.36 -34.17
N LEU B 96 2.39 15.21 -33.44
CA LEU B 96 2.35 16.66 -33.62
C LEU B 96 3.79 17.17 -33.52
N GLU B 97 4.19 17.98 -34.50
CA GLU B 97 5.56 18.51 -34.50
C GLU B 97 5.73 19.57 -33.42
N LYS B 98 4.80 20.52 -33.35
CA LYS B 98 4.83 21.58 -32.36
C LYS B 98 3.42 21.84 -31.86
N GLY B 99 3.29 22.74 -30.90
CA GLY B 99 2.02 23.05 -30.28
C GLY B 99 1.41 24.32 -30.83
N ILE B 100 0.49 24.89 -30.04
CA ILE B 100 -0.21 26.11 -30.41
C ILE B 100 0.29 27.31 -29.63
N ASN B 101 0.59 27.13 -28.34
CA ASN B 101 1.15 28.19 -27.52
C ASN B 101 1.98 27.54 -26.41
N SER B 102 3.30 27.66 -26.53
CA SER B 102 4.20 27.03 -25.56
C SER B 102 3.87 27.48 -24.14
N ASP B 103 3.73 28.80 -23.94
CA ASP B 103 3.38 29.31 -22.63
C ASP B 103 2.15 28.61 -22.08
N TYR B 104 1.10 28.50 -22.90
CA TYR B 104 -0.14 27.89 -22.44
C TYR B 104 0.03 26.42 -22.14
N GLU B 105 0.76 25.70 -23.01
CA GLU B 105 0.98 24.28 -22.79
C GLU B 105 1.76 23.99 -21.52
N ILE B 106 2.53 24.97 -21.02
CA ILE B 106 3.20 24.82 -19.75
C ILE B 106 2.29 25.23 -18.60
N LEU B 107 1.67 26.40 -18.70
CA LEU B 107 0.79 26.89 -17.64
C LEU B 107 -0.34 25.91 -17.38
N PHE B 108 -1.01 25.43 -18.44
CA PHE B 108 -2.17 24.57 -18.33
C PHE B 108 -1.81 23.10 -18.17
N GLU B 109 -0.63 22.78 -17.65
CA GLU B 109 -0.26 21.39 -17.37
C GLU B 109 -0.18 21.16 -15.86
CA ILE B 127 0.15 33.52 -11.63
C ILE B 127 -0.61 34.44 -12.59
N ASN B 128 -0.04 34.65 -13.78
CA ASN B 128 -0.63 35.52 -14.78
C ASN B 128 -1.49 34.67 -15.70
N TRP B 129 -2.77 34.55 -15.37
CA TRP B 129 -3.67 33.71 -16.16
C TRP B 129 -4.17 34.48 -17.39
N PRO B 130 -4.33 33.80 -18.52
CA PRO B 130 -4.84 34.47 -19.72
C PRO B 130 -6.32 34.81 -19.59
N ASP B 131 -6.80 35.61 -20.54
CA ASP B 131 -8.21 35.99 -20.58
C ASP B 131 -9.05 34.82 -21.07
N VAL B 132 -10.34 34.87 -20.75
CA VAL B 132 -11.25 33.77 -21.10
C VAL B 132 -11.28 33.56 -22.61
N ARG B 133 -11.41 34.67 -23.37
CA ARG B 133 -11.46 34.56 -24.82
C ARG B 133 -10.21 33.88 -25.37
N GLN B 134 -9.05 34.17 -24.78
CA GLN B 134 -7.81 33.60 -25.30
C GLN B 134 -7.72 32.11 -25.04
N VAL B 135 -8.26 31.63 -23.92
CA VAL B 135 -8.30 30.19 -23.67
C VAL B 135 -9.32 29.53 -24.59
N TRP B 136 -10.48 30.17 -24.79
CA TRP B 136 -11.44 29.67 -25.77
C TRP B 136 -10.80 29.58 -27.15
N ASP B 137 -10.03 30.61 -27.53
CA ASP B 137 -9.33 30.56 -28.81
C ASP B 137 -8.32 29.43 -28.85
N TYR B 138 -7.58 29.24 -27.75
CA TYR B 138 -6.65 28.11 -27.67
C TYR B 138 -7.39 26.79 -27.81
N ARG B 139 -8.50 26.64 -27.07
CA ARG B 139 -9.33 25.45 -27.18
C ARG B 139 -9.74 25.19 -28.63
N ASN B 140 -10.33 26.21 -29.27
CA ASN B 140 -10.80 26.05 -30.65
C ASN B 140 -9.65 25.66 -31.58
N LYS B 141 -8.51 26.33 -31.45
CA LYS B 141 -7.36 25.97 -32.28
C LYS B 141 -6.88 24.55 -31.98
N ALA B 142 -6.89 24.17 -30.70
CA ALA B 142 -6.50 22.82 -30.33
C ALA B 142 -7.45 21.79 -30.93
N TYR B 143 -8.75 22.02 -30.81
CA TYR B 143 -9.74 21.12 -31.39
C TYR B 143 -9.47 20.92 -32.87
N GLU B 144 -9.21 22.01 -33.60
CA GLU B 144 -8.96 21.92 -35.03
C GLU B 144 -7.67 21.16 -35.31
N VAL B 145 -6.63 21.38 -34.52
CA VAL B 145 -5.37 20.68 -34.71
C VAL B 145 -5.55 19.18 -34.46
N ILE B 146 -6.21 18.83 -33.35
CA ILE B 146 -6.39 17.42 -33.02
C ILE B 146 -7.27 16.74 -34.07
N LEU B 147 -8.35 17.40 -34.49
CA LEU B 147 -9.20 16.84 -35.53
C LEU B 147 -8.38 16.51 -36.77
N GLU B 148 -7.41 17.36 -37.11
CA GLU B 148 -6.57 17.11 -38.27
C GLU B 148 -5.76 15.83 -38.07
N VAL B 149 -5.16 15.67 -36.89
CA VAL B 149 -4.38 14.46 -36.60
C VAL B 149 -5.22 13.21 -36.85
N ILE B 150 -6.41 13.15 -36.23
CA ILE B 150 -7.27 11.99 -36.39
C ILE B 150 -7.56 11.75 -37.85
N LYS B 151 -7.98 12.81 -38.57
CA LYS B 151 -8.34 12.66 -39.97
C LYS B 151 -7.14 12.25 -40.81
N ASN B 152 -5.96 12.81 -40.52
CA ASN B 152 -4.75 12.54 -41.27
C ASN B 152 -3.91 11.42 -40.65
N THR B 153 -4.50 10.62 -39.78
CA THR B 153 -3.81 9.48 -39.18
C THR B 153 -4.67 8.23 -39.40
N THR B 154 -4.01 7.14 -39.80
CA THR B 154 -4.70 5.89 -40.03
C THR B 154 -4.90 5.16 -38.70
N PHE B 155 -5.93 4.33 -38.65
CA PHE B 155 -6.29 3.60 -37.43
C PHE B 155 -5.93 2.14 -37.63
N ASP B 156 -4.65 1.82 -37.41
CA ASP B 156 -4.17 0.45 -37.50
C ASP B 156 -4.63 -0.33 -36.28
N LEU B 157 -5.94 -0.53 -36.17
CA LEU B 157 -6.50 -1.31 -35.06
C LEU B 157 -5.86 -2.69 -35.04
N PRO B 158 -5.72 -3.29 -33.86
CA PRO B 158 -6.06 -2.75 -32.53
C PRO B 158 -5.06 -1.70 -32.04
N ILE B 159 -5.54 -0.62 -31.44
CA ILE B 159 -4.66 0.37 -30.83
C ILE B 159 -4.22 -0.13 -29.47
N HIS B 160 -2.95 0.12 -29.12
CA HIS B 160 -2.32 -0.44 -27.95
C HIS B 160 -1.51 0.63 -27.23
N ALA B 161 -0.90 0.23 -26.11
CA ALA B 161 -0.28 1.21 -25.21
C ALA B 161 1.04 1.76 -25.74
N SER B 162 1.72 1.04 -26.62
CA SER B 162 2.90 1.57 -27.29
C SER B 162 2.57 2.29 -28.58
N HIS B 163 1.31 2.25 -29.03
CA HIS B 163 0.89 2.95 -30.23
C HIS B 163 0.70 4.43 -29.93
N PRO B 164 1.16 5.32 -30.82
CA PRO B 164 1.02 6.75 -30.53
C PRO B 164 -0.40 7.22 -30.27
N LEU B 165 -1.40 6.53 -30.81
CA LEU B 165 -2.79 6.93 -30.63
C LEU B 165 -3.27 6.72 -29.20
N TRP B 166 -2.53 5.96 -28.38
CA TRP B 166 -2.84 5.87 -26.96
C TRP B 166 -2.87 7.26 -26.32
N ALA B 167 -2.09 8.20 -26.86
CA ALA B 167 -2.12 9.58 -26.37
C ALA B 167 -3.48 10.22 -26.62
N LEU B 168 -4.09 9.93 -27.77
CA LEU B 168 -5.43 10.42 -28.04
C LEU B 168 -6.45 9.78 -27.10
N MET B 169 -6.40 8.45 -26.99
CA MET B 169 -7.29 7.76 -26.05
C MET B 169 -7.13 8.30 -24.63
N MET B 170 -5.88 8.55 -24.22
CA MET B 170 -5.62 9.13 -22.91
C MET B 170 -6.24 10.52 -22.80
N GLY B 171 -6.02 11.36 -23.83
CA GLY B 171 -6.56 12.71 -23.78
C GLY B 171 -8.08 12.74 -23.70
N MET B 172 -8.74 11.79 -24.36
CA MET B 172 -10.20 11.78 -24.37
C MET B 172 -10.76 11.34 -23.03
N GLU B 173 -10.24 10.25 -22.46
CA GLU B 173 -10.66 9.85 -21.12
C GLU B 173 -10.25 10.90 -20.10
N HIS B 174 -9.10 11.54 -20.29
CA HIS B 174 -8.69 12.64 -19.42
C HIS B 174 -9.72 13.77 -19.45
N GLN B 175 -10.18 14.13 -20.65
CA GLN B 175 -11.22 15.13 -20.78
C GLN B 175 -12.50 14.72 -20.05
N ARG B 176 -12.88 13.45 -20.21
CA ARG B 176 -14.11 12.96 -19.60
C ARG B 176 -14.00 12.91 -18.09
N ILE B 177 -12.82 12.55 -17.58
CA ILE B 177 -12.59 12.65 -16.14
C ILE B 177 -12.76 14.09 -15.67
N HIS B 178 -12.15 15.04 -16.40
CA HIS B 178 -12.20 16.43 -15.96
C HIS B 178 -13.57 17.06 -16.13
N PHE B 179 -14.46 16.45 -16.91
CA PHE B 179 -15.87 16.86 -16.85
C PHE B 179 -16.43 16.57 -15.46
N GLU B 180 -16.09 15.41 -14.91
CA GLU B 180 -16.53 15.08 -13.55
C GLU B 180 -15.87 15.98 -12.52
N THR B 181 -14.54 16.15 -12.60
CA THR B 181 -13.84 16.96 -11.61
C THR B 181 -14.33 18.40 -11.65
N SER B 182 -14.49 18.97 -12.85
CA SER B 182 -14.97 20.34 -12.95
C SER B 182 -16.43 20.45 -12.50
N SER B 183 -17.22 19.39 -12.68
CA SER B 183 -18.60 19.42 -12.18
C SER B 183 -18.62 19.67 -10.68
N MET B 184 -17.71 19.02 -9.94
CA MET B 184 -17.61 19.26 -8.51
C MET B 184 -17.25 20.71 -8.21
N LEU B 185 -16.38 21.30 -9.05
CA LEU B 185 -16.00 22.69 -8.87
C LEU B 185 -17.18 23.62 -9.08
N LEU B 186 -17.98 23.36 -10.11
CA LEU B 186 -19.15 24.19 -10.37
C LEU B 186 -20.21 24.04 -9.28
N ARG B 187 -20.33 22.83 -8.72
CA ARG B 187 -21.27 22.62 -7.62
C ARG B 187 -20.92 23.47 -6.41
N GLN B 188 -19.64 23.79 -6.23
CA GLN B 188 -19.18 24.59 -5.12
C GLN B 188 -19.29 26.09 -5.37
N LEU B 189 -19.70 26.48 -6.58
CA LEU B 189 -19.95 27.88 -6.88
C LEU B 189 -21.36 28.26 -6.45
N PRO B 190 -21.61 29.54 -6.16
CA PRO B 190 -22.99 29.96 -5.87
C PRO B 190 -23.91 29.70 -7.05
N THR B 191 -25.16 29.30 -6.75
CA THR B 191 -26.10 28.95 -7.81
C THR B 191 -26.31 30.10 -8.78
N GLU B 192 -26.18 31.34 -8.32
CA GLU B 192 -26.37 32.50 -9.18
C GLU B 192 -25.25 32.67 -10.18
N LYS B 193 -24.13 31.97 -10.01
CA LYS B 193 -23.00 32.06 -10.92
C LYS B 193 -23.05 31.04 -12.05
N VAL B 194 -24.02 30.12 -12.01
CA VAL B 194 -24.12 29.04 -12.97
C VAL B 194 -25.54 28.98 -13.51
N GLU B 195 -25.67 28.53 -14.76
CA GLU B 195 -26.96 28.37 -15.42
C GLU B 195 -27.12 26.91 -15.80
N LYS B 196 -28.19 26.28 -15.34
CA LYS B 196 -28.43 24.89 -15.66
C LYS B 196 -28.52 24.70 -17.17
N PRO B 197 -27.70 23.85 -17.77
CA PRO B 197 -27.81 23.61 -19.21
C PRO B 197 -29.22 23.19 -19.61
N GLN B 198 -29.62 23.59 -20.82
CA GLN B 198 -30.92 23.19 -21.33
C GLN B 198 -31.01 21.68 -21.41
N GLY B 199 -32.14 21.13 -20.96
CA GLY B 199 -32.36 19.71 -20.96
C GLY B 199 -31.82 18.97 -19.76
N TRP B 200 -31.07 19.65 -18.89
CA TRP B 200 -30.51 19.00 -17.71
C TRP B 200 -31.63 18.64 -16.74
N GLN B 201 -31.74 17.35 -16.42
CA GLN B 201 -32.81 16.83 -15.60
C GLN B 201 -32.23 16.10 -14.40
N TYR B 202 -32.60 16.53 -13.20
CA TYR B 202 -32.27 15.79 -11.99
C TYR B 202 -33.18 14.57 -11.87
N ALA B 203 -32.71 13.57 -11.14
CA ALA B 203 -33.52 12.39 -10.90
C ALA B 203 -34.73 12.75 -10.05
N PRO B 204 -35.79 11.93 -10.08
CA PRO B 204 -36.90 12.14 -9.15
C PRO B 204 -36.42 12.02 -7.70
N SER B 205 -37.00 12.84 -6.83
CA SER B 205 -36.68 12.78 -5.42
C SER B 205 -37.51 11.74 -4.66
N ASN B 210 -37.37 3.37 2.58
CA ASN B 210 -37.52 1.93 2.47
C ASN B 210 -36.42 1.21 3.25
N THR B 211 -36.77 0.08 3.86
CA THR B 211 -35.83 -0.63 4.72
C THR B 211 -34.64 -1.12 3.92
N ASN B 212 -33.44 -0.85 4.44
CA ASN B 212 -32.18 -1.25 3.81
C ASN B 212 -31.70 -2.52 4.50
N LYS B 213 -32.14 -3.67 4.00
CA LYS B 213 -31.81 -4.94 4.63
C LYS B 213 -30.40 -5.39 4.25
N MET B 214 -29.74 -6.06 5.19
CA MET B 214 -28.44 -6.65 4.92
C MET B 214 -28.60 -7.95 4.14
N ILE B 215 -27.75 -8.14 3.13
CA ILE B 215 -27.81 -9.28 2.23
C ILE B 215 -26.52 -10.07 2.34
N LEU B 216 -26.63 -11.39 2.38
CA LEU B 216 -25.47 -12.26 2.41
C LEU B 216 -24.84 -12.30 1.01
N VAL B 217 -23.58 -11.89 0.92
CA VAL B 217 -22.81 -12.00 -0.32
C VAL B 217 -21.95 -13.25 -0.19
N GLU B 218 -22.25 -14.26 -1.01
CA GLU B 218 -21.54 -15.54 -0.91
C GLU B 218 -20.08 -15.35 -1.33
N GLY B 219 -19.17 -15.86 -0.51
CA GLY B 219 -17.76 -15.70 -0.78
C GLY B 219 -17.34 -16.38 -2.06
N GLY B 220 -16.15 -15.99 -2.53
CA GLY B 220 -15.59 -16.54 -3.74
C GLY B 220 -14.24 -15.94 -4.01
N THR B 221 -13.58 -16.48 -5.04
CA THR B 221 -12.26 -16.02 -5.44
C THR B 221 -12.39 -15.05 -6.62
N VAL B 222 -11.97 -13.81 -6.41
CA VAL B 222 -12.09 -12.77 -7.43
C VAL B 222 -10.75 -12.60 -8.11
N THR B 223 -10.79 -12.09 -9.34
CA THR B 223 -9.59 -11.78 -10.12
C THR B 223 -9.56 -10.27 -10.35
N LEU B 224 -8.62 -9.60 -9.69
CA LEU B 224 -8.45 -8.16 -9.83
C LEU B 224 -7.39 -7.85 -10.89
N GLY B 225 -7.54 -6.70 -11.54
CA GLY B 225 -6.55 -6.22 -12.49
C GLY B 225 -7.06 -6.28 -13.92
N LYS B 226 -6.21 -5.83 -14.83
CA LYS B 226 -6.52 -5.73 -16.24
C LYS B 226 -5.34 -6.25 -17.05
N ALA B 227 -5.62 -7.09 -18.04
CA ALA B 227 -4.56 -7.60 -18.89
C ALA B 227 -4.07 -6.51 -19.84
N LYS B 228 -2.81 -6.62 -20.25
CA LYS B 228 -2.23 -5.64 -21.17
C LYS B 228 -2.92 -5.68 -22.52
N ASP B 229 -3.43 -6.84 -22.93
CA ASP B 229 -4.07 -7.00 -24.22
C ASP B 229 -5.57 -6.69 -24.20
N ASN B 230 -6.10 -6.25 -23.06
CA ASN B 230 -7.53 -5.94 -22.97
C ASN B 230 -7.90 -4.88 -24.01
N PRO B 231 -8.99 -5.08 -24.77
CA PRO B 231 -9.29 -4.15 -25.88
C PRO B 231 -9.99 -2.87 -25.46
N LEU B 232 -9.63 -2.32 -24.30
CA LEU B 232 -10.21 -1.08 -23.82
C LEU B 232 -9.10 -0.22 -23.25
N TYR B 233 -9.18 1.09 -23.50
CA TYR B 233 -8.20 1.98 -22.88
C TYR B 233 -8.28 1.86 -21.37
N GLY B 234 -7.13 1.98 -20.71
CA GLY B 234 -7.08 1.99 -19.26
C GLY B 234 -5.87 2.76 -18.79
N TRP B 235 -5.97 3.29 -17.58
CA TRP B 235 -4.84 3.98 -16.96
C TRP B 235 -3.90 2.96 -16.32
N ASP B 236 -2.67 3.40 -16.06
CA ASP B 236 -1.62 2.46 -15.65
C ASP B 236 -2.00 1.71 -14.38
N CYS B 237 -2.67 2.39 -13.43
CA CYS B 237 -3.02 1.75 -12.17
C CYS B 237 -4.05 0.63 -12.34
N GLU B 238 -4.70 0.55 -13.50
CA GLU B 238 -5.70 -0.48 -13.73
C GLU B 238 -5.09 -1.85 -14.01
N TYR B 239 -3.86 -1.89 -14.51
CA TYR B 239 -3.26 -3.12 -15.00
C TYR B 239 -2.53 -3.86 -13.90
N GLY B 240 -2.46 -5.19 -14.07
CA GLY B 240 -1.91 -6.08 -13.07
C GLY B 240 -2.76 -7.31 -12.91
N ASP B 241 -2.40 -8.18 -11.97
CA ASP B 241 -3.16 -9.41 -11.76
C ASP B 241 -3.04 -9.83 -10.30
N ARG B 242 -4.19 -10.07 -9.68
CA ARG B 242 -4.23 -10.52 -8.28
C ARG B 242 -5.49 -11.31 -8.05
N LEU B 243 -5.34 -12.55 -7.58
CA LEU B 243 -6.46 -13.37 -7.16
C LEU B 243 -6.62 -13.24 -5.65
N VAL B 244 -7.86 -13.01 -5.21
CA VAL B 244 -8.16 -12.81 -3.80
C VAL B 244 -9.31 -13.75 -3.42
N LYS B 245 -9.10 -14.54 -2.39
CA LYS B 245 -10.16 -15.39 -1.83
C LYS B 245 -10.97 -14.55 -0.86
N VAL B 246 -12.21 -14.25 -1.21
CA VAL B 246 -13.06 -13.35 -0.43
C VAL B 246 -14.07 -14.21 0.34
N ASP B 247 -14.07 -14.07 1.67
CA ASP B 247 -15.06 -14.76 2.47
C ASP B 247 -16.43 -14.12 2.31
N SER B 248 -17.46 -14.91 2.60
CA SER B 248 -18.82 -14.39 2.57
C SER B 248 -18.95 -13.23 3.56
N PHE B 249 -19.84 -12.29 3.24
CA PHE B 249 -20.07 -11.14 4.11
C PHE B 249 -21.48 -10.62 3.87
N PHE B 250 -21.97 -9.85 4.82
CA PHE B 250 -23.29 -9.23 4.74
C PHE B 250 -23.12 -7.77 4.33
N ALA B 251 -23.95 -7.32 3.39
CA ALA B 251 -23.87 -5.95 2.89
C ALA B 251 -25.28 -5.38 2.73
N SER B 252 -25.42 -4.10 3.02
CA SER B 252 -26.71 -3.44 2.82
C SER B 252 -27.07 -3.45 1.34
N GLN B 253 -28.35 -3.74 1.05
CA GLN B 253 -28.78 -3.81 -0.34
C GLN B 253 -28.69 -2.45 -1.02
N TYR B 254 -28.89 -1.37 -0.27
CA TYR B 254 -28.83 -0.03 -0.82
C TYR B 254 -27.63 0.72 -0.24
N LEU B 255 -27.18 1.74 -0.99
CA LEU B 255 -26.25 2.70 -0.44
C LEU B 255 -26.93 3.47 0.69
N VAL B 256 -26.15 3.85 1.71
CA VAL B 256 -26.71 4.59 2.83
C VAL B 256 -27.37 5.86 2.30
N THR B 257 -28.63 6.06 2.67
CA THR B 257 -29.42 7.14 2.11
C THR B 257 -29.27 8.43 2.93
N ASN B 258 -29.70 9.54 2.34
CA ASN B 258 -29.70 10.81 3.05
C ASN B 258 -30.54 10.71 4.33
N GLY B 259 -31.68 10.03 4.27
CA GLY B 259 -32.51 9.88 5.45
C GLY B 259 -31.81 9.07 6.55
N GLU B 260 -31.10 8.02 6.15
CA GLU B 260 -30.38 7.22 7.13
C GLU B 260 -29.27 8.02 7.80
N PHE B 261 -28.53 8.81 7.01
CA PHE B 261 -27.48 9.65 7.57
C PHE B 261 -28.09 10.75 8.44
N LEU B 262 -29.30 11.19 8.12
CA LEU B 262 -29.97 12.19 8.94
C LEU B 262 -30.23 11.66 10.35
N GLU B 263 -30.56 10.37 10.46
CA GLU B 263 -30.73 9.76 11.78
C GLU B 263 -29.41 9.73 12.54
N PHE B 264 -28.31 9.46 11.84
CA PHE B 264 -26.99 9.53 12.45
C PHE B 264 -26.71 10.93 12.98
N ILE B 265 -27.08 11.95 12.22
CA ILE B 265 -26.92 13.33 12.68
C ILE B 265 -27.80 13.58 13.91
N ASN B 266 -29.06 13.18 13.84
CA ASN B 266 -29.99 13.42 14.94
C ASN B 266 -29.60 12.66 16.21
N ARG B 267 -28.86 11.56 16.09
CA ARG B 267 -28.32 10.87 17.26
C ARG B 267 -26.93 11.38 17.63
N LYS B 268 -26.61 12.62 17.26
CA LYS B 268 -25.36 13.28 17.66
C LYS B 268 -24.14 12.54 17.12
N GLY B 269 -24.19 12.17 15.84
CA GLY B 269 -23.06 11.47 15.25
C GLY B 269 -21.83 12.34 15.12
N TYR B 270 -22.01 13.59 14.68
CA TYR B 270 -20.89 14.51 14.49
C TYR B 270 -20.33 15.05 15.81
N GLU B 271 -20.99 14.79 16.92
CA GLU B 271 -20.59 15.34 18.21
C GLU B 271 -20.08 14.28 19.17
N THR B 272 -20.11 13.01 18.79
CA THR B 272 -19.71 11.90 19.67
C THR B 272 -18.34 11.41 19.21
N GLN B 273 -17.31 11.77 19.96
CA GLN B 273 -15.94 11.42 19.59
C GLN B 273 -15.76 9.92 19.42
N SER B 274 -16.47 9.12 20.22
CA SER B 274 -16.30 7.66 20.15
C SER B 274 -16.55 7.13 18.74
N TYR B 275 -17.34 7.84 17.94
CA TYR B 275 -17.66 7.37 16.59
C TYR B 275 -16.54 7.67 15.59
N TRP B 276 -15.65 8.60 15.93
CA TRP B 276 -14.56 9.03 15.05
C TRP B 276 -13.24 8.48 15.60
N ASN B 277 -12.14 8.87 14.95
CA ASN B 277 -10.79 8.61 15.44
C ASN B 277 -10.06 9.95 15.54
N GLU B 278 -8.82 9.89 16.06
CA GLU B 278 -8.08 11.12 16.33
C GLU B 278 -7.96 11.98 15.07
N LYS B 279 -7.51 11.39 13.96
CA LYS B 279 -7.32 12.16 12.74
C LYS B 279 -8.65 12.64 12.18
N SER B 280 -9.65 11.76 12.14
CA SER B 280 -10.97 12.16 11.65
C SER B 280 -11.59 13.21 12.54
N TRP B 281 -11.45 13.08 13.86
CA TRP B 281 -11.98 14.08 14.78
C TRP B 281 -11.25 15.41 14.61
N GLN B 282 -9.92 15.38 14.49
CA GLN B 282 -9.17 16.61 14.28
C GLN B 282 -9.63 17.32 13.00
N TRP B 283 -9.84 16.57 11.92
CA TRP B 283 -10.35 17.16 10.70
C TRP B 283 -11.70 17.82 10.93
N LYS B 284 -12.63 17.08 11.55
CA LYS B 284 -13.96 17.61 11.81
C LYS B 284 -13.89 18.90 12.60
N GLU B 285 -13.11 18.92 13.68
CA GLU B 285 -13.04 20.10 14.53
C GLU B 285 -12.41 21.28 13.78
N GLU B 286 -11.28 21.04 13.11
CA GLU B 286 -10.61 22.14 12.42
C GLU B 286 -11.48 22.72 11.31
N ASN B 287 -12.38 21.93 10.74
CA ASN B 287 -13.24 22.40 9.67
C ASN B 287 -14.68 22.62 10.11
N LYS B 288 -14.99 22.45 11.40
CA LYS B 288 -16.30 22.77 11.96
C LYS B 288 -17.41 22.09 11.17
N VAL B 289 -17.24 20.81 10.90
CA VAL B 289 -18.19 20.06 10.11
C VAL B 289 -19.32 19.58 11.02
N LYS B 290 -20.56 19.90 10.64
CA LYS B 290 -21.75 19.46 11.36
C LYS B 290 -22.72 18.69 10.48
N ASN B 291 -22.42 18.54 9.20
CA ASN B 291 -23.30 17.84 8.26
C ASN B 291 -22.56 17.62 6.95
N PRO B 292 -23.09 16.81 6.04
CA PRO B 292 -22.44 16.63 4.75
C PRO B 292 -22.24 17.94 4.01
N LYS B 293 -21.24 17.96 3.13
CA LYS B 293 -20.79 19.20 2.49
C LYS B 293 -21.95 19.92 1.79
N PHE B 294 -22.76 19.19 1.03
CA PHE B 294 -23.79 19.80 0.19
C PHE B 294 -25.16 19.77 0.83
N TRP B 295 -25.19 19.73 2.16
CA TRP B 295 -26.40 19.98 2.94
C TRP B 295 -26.33 21.39 3.52
N GLN B 296 -27.49 21.97 3.77
CA GLN B 296 -27.58 23.25 4.46
C GLN B 296 -28.83 23.24 5.33
N PHE B 297 -28.69 23.62 6.59
CA PHE B 297 -29.77 23.53 7.55
C PHE B 297 -30.55 24.85 7.60
N ASN B 298 -31.88 24.73 7.51
CA ASN B 298 -32.76 25.90 7.52
C ASN B 298 -34.17 25.46 7.88
N ASN B 299 -34.80 26.16 8.80
CA ASN B 299 -36.19 25.93 9.16
C ASN B 299 -36.41 24.51 9.69
N GLY B 300 -35.51 24.07 10.56
CA GLY B 300 -35.62 22.75 11.14
C GLY B 300 -35.50 21.64 10.12
N LYS B 301 -35.04 21.98 8.92
CA LYS B 301 -34.89 21.02 7.83
C LYS B 301 -33.61 21.32 7.06
N TYR B 302 -33.24 20.40 6.18
CA TYR B 302 -32.02 20.52 5.40
C TYR B 302 -32.33 20.74 3.93
N SER B 303 -31.53 21.58 3.28
CA SER B 303 -31.54 21.74 1.84
C SER B 303 -30.36 21.00 1.24
N TYR B 304 -30.51 20.57 -0.01
CA TYR B 304 -29.49 19.81 -0.71
C TYR B 304 -29.05 20.58 -1.95
N ARG B 305 -27.74 20.64 -2.17
CA ARG B 305 -27.18 21.34 -3.32
C ARG B 305 -26.93 20.34 -4.43
N ALA B 306 -27.77 20.39 -5.46
CA ALA B 306 -27.51 19.66 -6.69
C ALA B 306 -26.52 20.48 -7.53
N MET B 307 -26.32 20.08 -8.79
CA MET B 307 -25.32 20.75 -9.62
C MET B 307 -25.56 22.25 -9.72
N PHE B 308 -26.81 22.64 -10.01
CA PHE B 308 -27.12 24.03 -10.30
C PHE B 308 -28.26 24.60 -9.46
N ASP B 309 -28.84 23.82 -8.56
CA ASP B 309 -29.99 24.26 -7.79
C ASP B 309 -29.94 23.69 -6.38
N GLU B 310 -30.50 24.44 -5.44
CA GLU B 310 -30.73 23.96 -4.08
C GLU B 310 -32.14 23.41 -3.99
N ILE B 311 -32.29 22.20 -3.48
CA ILE B 311 -33.59 21.53 -3.44
C ILE B 311 -33.78 20.91 -2.06
N PRO B 312 -35.03 20.61 -1.70
CA PRO B 312 -35.26 19.86 -0.44
C PRO B 312 -34.50 18.55 -0.44
N LEU B 313 -33.94 18.21 0.71
CA LEU B 313 -33.10 17.03 0.83
C LEU B 313 -33.81 15.80 0.26
N PRO B 314 -33.27 15.17 -0.79
CA PRO B 314 -33.86 13.91 -1.26
C PRO B 314 -33.51 12.76 -0.35
N LEU B 315 -34.47 12.34 0.48
CA LEU B 315 -34.18 11.41 1.56
C LEU B 315 -33.78 10.03 1.05
N ASP B 316 -34.24 9.64 -0.13
CA ASP B 316 -33.96 8.32 -0.67
C ASP B 316 -32.77 8.28 -1.63
N TRP B 317 -32.14 9.43 -1.91
CA TRP B 317 -30.89 9.44 -2.65
C TRP B 317 -29.75 8.97 -1.75
N PRO B 318 -28.68 8.41 -2.32
CA PRO B 318 -27.50 8.07 -1.51
C PRO B 318 -26.86 9.31 -0.92
N VAL B 319 -26.40 9.19 0.33
CA VAL B 319 -25.74 10.32 0.98
C VAL B 319 -24.35 10.49 0.39
N GLU B 320 -23.93 11.74 0.25
CA GLU B 320 -22.64 12.09 -0.35
C GLU B 320 -21.72 12.59 0.76
N VAL B 321 -20.68 11.82 1.05
CA VAL B 321 -19.80 12.07 2.19
C VAL B 321 -18.37 11.74 1.77
N ASN B 322 -17.43 12.11 2.64
CA ASN B 322 -16.05 11.68 2.48
C ASN B 322 -15.81 10.43 3.34
N TYR B 323 -14.57 9.93 3.31
CA TYR B 323 -14.26 8.67 3.98
C TYR B 323 -14.44 8.78 5.49
N TYR B 324 -13.92 9.86 6.09
CA TYR B 324 -14.06 10.04 7.53
C TYR B 324 -15.51 9.94 7.97
N GLU B 325 -16.41 10.57 7.21
CA GLU B 325 -17.82 10.60 7.58
C GLU B 325 -18.45 9.22 7.47
N ALA B 326 -18.12 8.47 6.41
CA ALA B 326 -18.64 7.11 6.28
C ALA B 326 -18.18 6.24 7.44
N MET B 327 -16.92 6.38 7.85
CA MET B 327 -16.41 5.60 8.98
C MET B 327 -17.04 6.03 10.29
N ALA B 328 -17.38 7.30 10.44
CA ALA B 328 -18.10 7.74 11.65
C ALA B 328 -19.48 7.12 11.71
N TYR B 329 -20.16 7.02 10.55
CA TYR B 329 -21.45 6.35 10.51
C TYR B 329 -21.34 4.90 10.95
N CYS B 330 -20.33 4.19 10.44
CA CYS B 330 -20.10 2.81 10.88
C CYS B 330 -19.84 2.76 12.38
N GLY B 331 -19.13 3.76 12.92
CA GLY B 331 -18.90 3.78 14.35
C GLY B 331 -20.18 3.92 15.15
N TRP B 332 -21.14 4.68 14.63
CA TRP B 332 -22.43 4.82 15.28
C TRP B 332 -23.24 3.53 15.18
N LYS B 333 -23.18 2.87 14.02
CA LYS B 333 -23.86 1.59 13.87
C LYS B 333 -23.24 0.51 14.74
N GLY B 334 -21.90 0.53 14.84
CA GLY B 334 -21.22 -0.48 15.63
C GLY B 334 -21.51 -1.87 15.11
N LYS B 335 -21.39 -2.85 16.02
CA LYS B 335 -21.76 -4.24 15.72
C LYS B 335 -20.94 -4.81 14.57
N GLY B 336 -19.68 -4.40 14.46
CA GLY B 336 -18.82 -4.85 13.39
C GLY B 336 -19.10 -4.21 12.05
N THR B 337 -19.79 -3.07 12.04
CA THR B 337 -20.08 -2.36 10.80
C THR B 337 -18.80 -1.76 10.22
N ARG B 338 -18.61 -1.93 8.92
CA ARG B 338 -17.41 -1.43 8.26
C ARG B 338 -17.69 -1.22 6.78
N LEU B 339 -16.64 -0.88 6.03
CA LEU B 339 -16.72 -0.69 4.59
C LEU B 339 -16.07 -1.86 3.87
N MET B 340 -16.44 -2.03 2.61
CA MET B 340 -15.96 -3.15 1.80
C MET B 340 -14.49 -2.93 1.40
N SER B 341 -13.82 -4.04 1.09
CA SER B 341 -12.54 -3.98 0.42
C SER B 341 -12.74 -3.87 -1.09
N GLU B 342 -11.64 -3.66 -1.82
CA GLU B 342 -11.72 -3.67 -3.27
C GLU B 342 -12.21 -5.03 -3.77
N ALA B 343 -11.62 -6.11 -3.24
CA ALA B 343 -12.02 -7.45 -3.67
C ALA B 343 -13.47 -7.72 -3.32
N GLU B 344 -13.94 -7.22 -2.18
CA GLU B 344 -15.32 -7.46 -1.77
C GLU B 344 -16.30 -6.75 -2.69
N TRP B 345 -16.00 -5.50 -3.07
CA TRP B 345 -16.85 -4.81 -4.03
C TRP B 345 -16.89 -5.52 -5.38
N ASN B 346 -15.72 -5.98 -5.85
CA ASN B 346 -15.68 -6.69 -7.13
C ASN B 346 -16.51 -7.97 -7.08
N LEU B 347 -16.40 -8.73 -5.99
CA LEU B 347 -17.21 -9.93 -5.85
C LEU B 347 -18.69 -9.60 -5.91
N ALA B 348 -19.12 -8.57 -5.16
CA ALA B 348 -20.54 -8.25 -5.09
C ALA B 348 -21.07 -7.73 -6.41
N ALA B 349 -20.23 -7.07 -7.21
CA ALA B 349 -20.69 -6.45 -8.45
C ALA B 349 -20.49 -7.34 -9.68
N TYR B 350 -19.44 -8.15 -9.71
CA TYR B 350 -19.10 -8.91 -10.91
C TYR B 350 -18.93 -10.40 -10.68
N GLY B 351 -18.91 -10.88 -9.45
CA GLY B 351 -18.87 -12.30 -9.19
C GLY B 351 -17.46 -12.87 -9.19
N SER B 352 -17.41 -14.19 -9.36
CA SER B 352 -16.15 -14.92 -9.27
C SER B 352 -15.85 -15.67 -10.56
N ASN B 353 -15.99 -14.99 -11.69
CA ASN B 353 -15.60 -15.54 -12.98
C ASN B 353 -14.12 -15.27 -13.24
N ASP B 354 -13.46 -16.22 -13.89
CA ASP B 354 -12.05 -16.08 -14.24
C ASP B 354 -11.84 -15.35 -15.56
N ASN B 355 -12.91 -14.95 -16.24
CA ASN B 355 -12.79 -14.28 -17.53
C ASN B 355 -14.05 -13.51 -17.86
N TYR B 356 -14.34 -12.48 -17.08
CA TYR B 356 -15.52 -11.64 -17.31
C TYR B 356 -15.29 -10.75 -18.54
N GLN B 357 -16.28 -10.70 -19.42
CA GLN B 357 -16.22 -9.86 -20.60
C GLN B 357 -17.10 -8.63 -20.38
N VAL B 358 -16.51 -7.44 -20.53
CA VAL B 358 -17.27 -6.21 -20.38
C VAL B 358 -18.24 -6.07 -21.55
N ASP B 359 -19.51 -5.81 -21.24
CA ASP B 359 -20.52 -5.44 -22.23
C ASP B 359 -20.82 -3.96 -22.02
N ILE B 360 -20.30 -3.13 -22.92
CA ILE B 360 -20.37 -1.69 -22.72
C ILE B 360 -21.82 -1.21 -22.62
N GLU B 361 -22.74 -1.85 -23.35
CA GLU B 361 -24.13 -1.38 -23.34
C GLU B 361 -24.78 -1.55 -21.97
N LYS B 362 -24.23 -2.41 -21.11
CA LYS B 362 -24.77 -2.55 -19.77
C LYS B 362 -24.64 -1.26 -18.96
N VAL B 363 -23.80 -0.32 -19.41
CA VAL B 363 -23.72 0.97 -18.73
C VAL B 363 -25.10 1.63 -18.70
N ASN B 364 -25.93 1.37 -19.70
CA ASN B 364 -27.28 1.92 -19.75
C ASN B 364 -28.17 1.39 -18.64
N ASP B 365 -27.77 0.32 -17.95
CA ASP B 365 -28.59 -0.32 -16.93
C ASP B 365 -28.41 0.30 -15.55
N TYR B 366 -27.54 1.30 -15.42
CA TYR B 366 -27.24 1.90 -14.13
C TYR B 366 -27.27 3.42 -14.28
N ASN B 367 -27.30 4.11 -13.15
CA ASN B 367 -27.25 5.57 -13.16
C ASN B 367 -25.80 5.99 -13.45
N LEU B 368 -25.48 5.98 -14.74
CA LEU B 368 -24.15 6.29 -15.25
C LEU B 368 -24.31 7.07 -16.54
N ASN B 369 -23.22 7.67 -16.99
CA ASN B 369 -23.16 8.28 -18.32
C ASN B 369 -24.29 9.29 -18.52
N LEU B 370 -24.57 10.08 -17.48
CA LEU B 370 -25.53 11.17 -17.56
C LEU B 370 -26.94 10.67 -17.89
N LYS B 371 -27.26 9.43 -17.50
CA LYS B 371 -28.65 9.00 -17.52
C LYS B 371 -29.51 9.98 -16.73
N PHE B 372 -29.02 10.41 -15.57
CA PHE B 372 -29.60 11.49 -14.80
C PHE B 372 -28.53 12.55 -14.59
N GLY B 373 -28.97 13.77 -14.29
CA GLY B 373 -28.04 14.84 -13.98
C GLY B 373 -27.83 14.97 -12.48
N SER B 374 -28.02 13.87 -11.76
CA SER B 374 -27.95 13.85 -10.31
C SER B 374 -27.93 12.42 -9.80
N PRO B 375 -27.64 12.20 -8.52
CA PRO B 375 -27.88 10.87 -7.93
C PRO B 375 -29.35 10.50 -8.04
N SER B 376 -29.62 9.21 -7.97
CA SER B 376 -30.98 8.69 -8.07
C SER B 376 -31.42 8.04 -6.76
N PRO B 377 -32.71 7.91 -6.53
CA PRO B 377 -33.19 7.16 -5.35
C PRO B 377 -32.69 5.72 -5.41
N VAL B 378 -32.25 5.22 -4.25
CA VAL B 378 -31.75 3.84 -4.20
C VAL B 378 -32.83 2.90 -4.71
N GLY B 379 -32.48 2.09 -5.70
CA GLY B 379 -33.41 1.11 -6.25
C GLY B 379 -34.36 1.64 -7.31
N LEU B 380 -34.31 2.94 -7.63
CA LEU B 380 -35.24 3.48 -8.61
C LEU B 380 -34.94 2.95 -10.01
N VAL B 381 -33.67 2.89 -10.38
CA VAL B 381 -33.27 2.28 -11.65
C VAL B 381 -33.40 0.77 -11.50
N LYS B 382 -34.50 0.20 -11.99
CA LYS B 382 -34.80 -1.20 -11.76
C LYS B 382 -33.84 -2.15 -12.46
N THR B 383 -33.00 -1.65 -13.36
CA THR B 383 -32.01 -2.48 -14.03
C THR B 383 -30.68 -2.52 -13.27
N ALA B 384 -30.58 -1.83 -12.14
CA ALA B 384 -29.30 -1.60 -11.47
C ALA B 384 -29.09 -2.51 -10.26
N GLN B 385 -29.66 -3.72 -10.29
CA GLN B 385 -29.40 -4.71 -9.25
C GLN B 385 -28.37 -5.71 -9.73
N SER B 386 -27.31 -5.89 -8.95
CA SER B 386 -26.24 -6.81 -9.32
C SER B 386 -26.66 -8.25 -8.99
N HIS B 387 -25.86 -9.20 -9.46
CA HIS B 387 -26.12 -10.61 -9.20
C HIS B 387 -26.25 -10.89 -7.71
N SER B 388 -25.53 -10.14 -6.89
CA SER B 388 -25.53 -10.32 -5.44
C SER B 388 -26.84 -9.88 -4.79
N GLY B 389 -27.74 -9.26 -5.55
CA GLY B 389 -28.93 -8.66 -4.99
C GLY B 389 -28.74 -7.25 -4.49
N LEU B 390 -27.53 -6.71 -4.57
CA LEU B 390 -27.23 -5.36 -4.11
C LEU B 390 -27.54 -4.36 -5.21
N TRP B 391 -28.03 -3.19 -4.82
CA TRP B 391 -28.48 -2.17 -5.76
C TRP B 391 -27.44 -1.04 -5.88
N ASP B 392 -27.26 -0.56 -7.10
CA ASP B 392 -26.37 0.57 -7.39
C ASP B 392 -24.95 0.36 -6.87
N LEU B 393 -24.46 -0.87 -7.01
CA LEU B 393 -23.02 -1.07 -6.85
C LEU B 393 -22.26 -0.35 -7.95
N ARG B 394 -22.84 -0.34 -9.16
CA ARG B 394 -22.38 0.50 -10.26
C ARG B 394 -23.33 1.69 -10.36
N GLY B 395 -22.77 2.88 -10.52
CA GLY B 395 -23.57 4.05 -10.80
C GLY B 395 -24.13 4.73 -9.57
N ASN B 396 -24.92 5.77 -9.83
CA ASN B 396 -25.51 6.62 -8.81
C ASN B 396 -24.53 7.50 -8.05
N VAL B 397 -23.54 6.89 -7.38
CA VAL B 397 -22.46 7.63 -6.75
C VAL B 397 -21.33 6.62 -6.60
N TRP B 398 -20.09 7.10 -6.71
CA TRP B 398 -18.96 6.29 -6.29
C TRP B 398 -19.18 5.84 -4.86
N GLU B 399 -18.69 4.66 -4.50
CA GLU B 399 -18.77 4.23 -3.11
C GLU B 399 -17.37 4.00 -2.54
N TRP B 400 -17.11 4.66 -1.41
CA TRP B 400 -15.84 4.53 -0.71
C TRP B 400 -15.58 3.07 -0.34
N LEU B 401 -14.29 2.72 -0.26
CA LEU B 401 -13.85 1.39 0.13
C LEU B 401 -12.73 1.52 1.16
N ASP B 402 -12.71 0.60 2.13
CA ASP B 402 -11.62 0.55 3.10
C ASP B 402 -10.45 -0.18 2.43
N GLU B 403 -9.73 0.57 1.59
CA GLU B 403 -8.62 0.01 0.83
C GLU B 403 -7.69 1.16 0.45
N ASN B 404 -6.47 1.13 0.97
CA ASN B 404 -5.48 2.13 0.59
C ASN B 404 -5.11 1.93 -0.87
N PHE B 405 -5.17 3.01 -1.66
CA PHE B 405 -4.79 2.94 -3.07
C PHE B 405 -3.41 2.32 -3.19
N HIS B 406 -3.31 1.23 -3.95
CA HIS B 406 -2.09 0.44 -3.98
C HIS B 406 -1.93 -0.18 -5.36
N PRO B 407 -0.70 -0.50 -5.77
CA PRO B 407 -0.49 -1.12 -7.08
C PRO B 407 -0.89 -2.58 -7.06
N LEU B 408 -1.31 -3.06 -8.23
CA LEU B 408 -1.54 -4.48 -8.42
C LEU B 408 -0.30 -5.11 -9.06
N PRO B 409 0.02 -6.36 -8.73
CA PRO B 409 1.23 -6.97 -9.30
C PRO B 409 1.22 -6.90 -10.82
N GLY B 410 2.27 -6.32 -11.37
CA GLY B 410 2.37 -6.06 -12.79
C GLY B 410 2.29 -4.59 -13.15
N PHE B 411 1.88 -3.74 -12.21
CA PHE B 411 1.76 -2.31 -12.48
C PHE B 411 3.06 -1.77 -13.07
N GLU B 412 2.93 -0.84 -14.01
CA GLU B 412 4.07 -0.18 -14.63
C GLU B 412 3.62 1.22 -15.02
N PRO B 413 4.33 2.26 -14.60
CA PRO B 413 3.96 3.61 -15.04
C PRO B 413 4.07 3.75 -16.55
N HIS B 414 3.23 4.62 -17.11
CA HIS B 414 3.28 4.90 -18.54
C HIS B 414 4.16 6.11 -18.81
N PHE B 415 4.94 6.05 -19.88
CA PHE B 415 5.89 7.14 -20.23
C PHE B 415 5.18 8.47 -20.52
N LEU B 416 3.94 8.42 -21.01
CA LEU B 416 3.20 9.66 -21.32
C LEU B 416 2.79 10.37 -20.03
N TYR B 417 2.61 9.62 -18.94
CA TYR B 417 2.12 10.20 -17.67
C TYR B 417 2.69 9.37 -16.51
N GLU B 418 3.99 9.43 -16.32
CA GLU B 418 4.68 8.62 -15.28
C GLU B 418 4.13 8.87 -13.87
N ASP B 419 3.72 10.10 -13.59
CA ASP B 419 3.29 10.44 -12.21
C ASP B 419 1.77 10.32 -12.04
N ASN B 420 1.12 9.50 -12.85
CA ASN B 420 -0.34 9.41 -12.79
C ASN B 420 -0.81 8.78 -11.49
N SER B 421 -0.17 7.71 -11.04
CA SER B 421 -0.65 6.97 -9.88
C SER B 421 0.46 6.63 -8.89
N ALA B 422 1.67 6.36 -9.38
CA ALA B 422 2.76 5.95 -8.49
C ALA B 422 2.95 6.86 -7.28
N PRO B 423 2.89 8.20 -7.39
CA PRO B 423 3.07 9.03 -6.20
C PRO B 423 2.04 8.79 -5.11
N PHE B 424 0.89 8.20 -5.43
CA PHE B 424 -0.23 8.12 -4.51
C PHE B 424 -0.39 6.75 -3.87
N PHE B 425 0.59 5.86 -4.05
CA PHE B 425 0.67 4.62 -3.30
C PHE B 425 1.39 4.90 -1.97
N ASP B 426 0.74 5.72 -1.14
CA ASP B 426 1.38 6.26 0.04
C ASP B 426 0.60 6.00 1.33
N ASN B 427 -0.40 5.10 1.30
CA ASN B 427 -1.26 4.83 2.45
C ASN B 427 -2.00 6.08 2.93
N ASN B 428 -2.10 7.10 2.08
CA ASN B 428 -2.83 8.32 2.40
C ASN B 428 -4.04 8.53 1.50
N HIS B 429 -4.34 7.57 0.62
CA HIS B 429 -5.46 7.69 -0.30
C HIS B 429 -6.33 6.44 -0.22
N LYS B 430 -7.64 6.64 -0.04
CA LYS B 430 -8.60 5.56 0.00
C LYS B 430 -9.28 5.42 -1.35
N MET B 431 -9.71 4.20 -1.67
CA MET B 431 -10.23 3.90 -2.99
C MET B 431 -11.75 4.06 -3.04
N MET B 432 -12.27 4.12 -4.26
CA MET B 432 -13.70 4.18 -4.51
C MET B 432 -13.95 3.63 -5.91
N LEU B 433 -15.09 2.97 -6.10
CA LEU B 433 -15.35 2.24 -7.34
C LEU B 433 -16.83 2.36 -7.72
N GLY B 434 -17.12 2.01 -8.98
CA GLY B 434 -18.48 1.86 -9.46
C GLY B 434 -18.93 2.94 -10.42
N GLY B 435 -18.40 4.15 -10.26
CA GLY B 435 -18.83 5.26 -11.08
C GLY B 435 -20.07 5.95 -10.52
N ALA B 436 -20.25 7.19 -10.93
CA ALA B 436 -21.38 8.01 -10.53
C ALA B 436 -22.20 8.41 -11.76
N TRP B 437 -23.31 9.13 -11.50
CA TRP B 437 -24.18 9.59 -12.57
C TRP B 437 -23.42 10.41 -13.61
N VAL B 438 -22.40 11.16 -13.19
CA VAL B 438 -21.66 12.03 -14.11
C VAL B 438 -20.54 11.30 -14.82
N THR B 439 -20.20 10.08 -14.39
CA THR B 439 -19.05 9.38 -14.93
C THR B 439 -19.31 8.90 -16.35
N GLN B 440 -18.34 9.12 -17.24
CA GLN B 440 -18.44 8.74 -18.64
C GLN B 440 -17.19 7.99 -19.06
N GLY B 441 -17.26 7.36 -20.24
CA GLY B 441 -16.09 6.73 -20.83
C GLY B 441 -15.72 5.41 -20.18
N THR B 442 -14.45 5.04 -20.34
CA THR B 442 -13.96 3.78 -19.78
C THR B 442 -14.05 3.78 -18.26
N GLU B 443 -14.18 4.96 -17.64
CA GLU B 443 -14.34 5.07 -16.20
C GLU B 443 -15.70 4.56 -15.72
N THR B 444 -16.62 4.27 -16.63
CA THR B 444 -17.88 3.62 -16.28
C THR B 444 -17.74 2.10 -16.19
N LEU B 445 -16.58 1.56 -16.55
CA LEU B 445 -16.41 0.12 -16.76
C LEU B 445 -15.63 -0.52 -15.62
N LYS B 446 -15.40 -1.82 -15.77
CA LYS B 446 -14.97 -2.67 -14.66
C LYS B 446 -13.61 -2.30 -14.12
N TYR B 447 -12.67 -1.92 -14.99
CA TYR B 447 -11.26 -1.90 -14.62
C TYR B 447 -10.79 -0.57 -14.03
N TYR B 448 -11.56 0.50 -14.16
CA TYR B 448 -11.11 1.79 -13.64
C TYR B 448 -11.01 1.73 -12.11
N ARG B 449 -9.86 2.12 -11.58
CA ARG B 449 -9.60 2.14 -10.15
C ARG B 449 -9.41 3.57 -9.71
N ASN B 450 -10.32 4.06 -8.87
CA ASN B 450 -10.36 5.46 -8.46
C ASN B 450 -9.91 5.58 -7.01
N TRP B 451 -9.43 6.78 -6.67
CA TRP B 451 -8.87 7.02 -5.34
C TRP B 451 -8.94 8.50 -5.02
N PHE B 452 -8.81 8.81 -3.73
CA PHE B 452 -9.02 10.17 -3.24
C PHE B 452 -8.55 10.23 -1.80
N ARG B 453 -8.10 11.40 -1.38
CA ARG B 453 -7.76 11.58 0.03
C ARG B 453 -9.03 11.46 0.87
N PRO B 454 -8.93 10.88 2.07
CA PRO B 454 -10.16 10.56 2.83
C PRO B 454 -11.00 11.77 3.22
N ASN B 455 -10.42 12.96 3.26
CA ASN B 455 -11.13 14.14 3.72
C ASN B 455 -11.76 14.95 2.59
N PHE B 456 -11.53 14.57 1.34
CA PHE B 456 -12.02 15.32 0.20
C PHE B 456 -13.35 14.74 -0.29
N TYR B 457 -14.14 15.60 -0.95
CA TYR B 457 -15.46 15.22 -1.40
C TYR B 457 -15.49 15.01 -2.91
N GLN B 458 -16.29 14.03 -3.32
CA GLN B 458 -16.54 13.69 -4.72
C GLN B 458 -18.01 13.33 -4.81
N HIS B 459 -18.48 13.01 -6.02
CA HIS B 459 -19.83 12.47 -6.15
C HIS B 459 -19.83 11.03 -5.62
N ALA B 460 -19.75 10.87 -4.30
CA ALA B 460 -19.44 9.58 -3.72
C ALA B 460 -20.18 9.37 -2.41
N GLY B 461 -20.55 8.11 -2.16
CA GLY B 461 -21.18 7.73 -0.91
C GLY B 461 -20.63 6.42 -0.38
N PHE B 462 -21.47 5.57 0.20
CA PHE B 462 -20.99 4.31 0.76
C PHE B 462 -22.16 3.41 1.13
N ARG B 463 -21.83 2.13 1.32
CA ARG B 463 -22.74 1.16 1.92
C ARG B 463 -22.01 0.45 3.05
N ILE B 464 -22.78 -0.13 3.97
CA ILE B 464 -22.21 -0.74 5.16
C ILE B 464 -22.22 -2.26 5.03
N VAL B 465 -21.23 -2.91 5.65
CA VAL B 465 -21.09 -4.36 5.60
C VAL B 465 -20.65 -4.86 6.97
N THR B 466 -20.80 -6.18 7.17
CA THR B 466 -20.33 -6.86 8.37
C THR B 466 -19.59 -8.13 7.95
N ASN B 467 -18.60 -8.51 8.78
CA ASN B 467 -17.79 -9.69 8.47
C ASN B 467 -18.63 -10.95 8.37
N HIS B 468 -19.72 -11.03 9.14
CA HIS B 468 -20.62 -12.18 9.11
C HIS B 468 -22.05 -11.73 9.39
CL CL C . 24.87 5.56 9.78
NA NA D . 14.63 -1.35 17.16
FE FE E . 14.65 -16.29 -0.08
C1 EDO F . 13.87 -8.80 0.62
O1 EDO F . 14.77 -9.66 -0.05
C2 EDO F . 14.39 -7.45 0.86
O2 EDO F . 13.76 -6.50 0.04
CAL AVI G . 11.95 -9.08 3.75
N AVI G . 11.28 -10.36 4.00
CAM AVI G . 9.86 -10.16 4.17
CA AVI G . 11.62 -11.41 3.03
C AVI G . 11.07 -12.79 3.43
OXT AVI G . 11.36 -13.22 4.54
O AVI G . 10.37 -13.38 2.61
CB AVI G . 13.13 -11.50 2.76
CG AVI G . 13.44 -12.52 1.71
ND1 AVI G . 13.29 -12.22 0.37
CE1 AVI G . 13.65 -13.30 -0.28
NE2 AVI G . 14.03 -14.27 0.55
CD2 AVI G . 13.91 -13.78 1.82
C1 EDO H . 7.48 -21.89 23.24
O1 EDO H . 6.41 -21.22 23.91
C2 EDO H . 8.81 -21.49 23.89
O2 EDO H . 8.76 -21.79 25.29
CL CL I . -20.00 -5.33 -17.99
NA NA J . -22.07 2.90 -6.58
FE FE K . -5.49 16.36 -15.25
C1 EDO L . -6.60 8.39 -13.82
O1 EDO L . -5.91 7.22 -13.37
C2 EDO L . -6.14 9.61 -13.04
O2 EDO L . -5.61 10.57 -13.96
C1 EDO M . -27.56 14.82 -18.30
O1 EDO M . -28.21 14.27 -19.44
C2 EDO M . -28.56 15.70 -17.53
O2 EDO M . -29.71 14.92 -17.23
#